data_3U8P
#
_entry.id   3U8P
#
_cell.length_a   64.752
_cell.length_b   125.200
_cell.length_c   89.255
_cell.angle_alpha   90.00
_cell.angle_beta   90.37
_cell.angle_gamma   90.00
#
_symmetry.space_group_name_H-M   'P 1 21 1'
#
loop_
_entity.id
_entity.type
_entity.pdbx_description
1 polymer 'Cytochrome b562 integral fusion with enhanced green fluorescent protein'
2 non-polymer 'PROTOPORPHYRIN IX CONTAINING FE'
3 water water
#
_entity_poly.entity_id   1
_entity_poly.type   'polypeptide(L)'
_entity_poly.pdbx_seq_one_letter_code
;MVSKGEELFTGVVPILVELDGDVNGHKFSVSGEGEGDATFGGSADLEDNMETLNDNLKVIEKADNAAQVKDALTKMRAAA
LDAQKATPPKLEDKSPDSPEMKDFRHGFDILVGQIDDALKLANEGKVKEAQAAAEQLKTTRNAYHQKYRGGKLTLKFICT
TGKLPVPWPTLVTTL(CRO)VQCFSRYPDHMKQHDFFKSAMPEGYVQERTIFFKDDGNYKTRAEVKFEGDTLVNRIELKG
IDFKEDGNILGHKLEYNYNSHNVYIMADKQKNGIKVNFKIRHNIEDGSVQLADHYQQNTPIGDGPVLLPDNHYLSTQSAL
SKDPNEKRDHMVLLEFVTAAGITLGMDELYK
;
_entity_poly.pdbx_strand_id   A,B,C
#
loop_
_chem_comp.id
_chem_comp.type
_chem_comp.name
_chem_comp.formula
HEM non-polymer 'PROTOPORPHYRIN IX CONTAINING FE' 'C34 H32 Fe N4 O4'
#
# COMPACT_ATOMS: atom_id res chain seq x y z
N LYS A 4 -5.68 -9.73 -24.71
CA LYS A 4 -6.55 -9.25 -23.58
C LYS A 4 -5.93 -7.99 -22.89
N GLY A 5 -5.95 -7.91 -21.56
CA GLY A 5 -5.44 -6.72 -20.87
C GLY A 5 -3.92 -6.61 -20.78
N GLU A 6 -3.23 -7.74 -20.77
CA GLU A 6 -1.77 -7.76 -20.73
C GLU A 6 -1.17 -7.05 -21.96
N GLU A 7 -1.92 -7.07 -23.06
CA GLU A 7 -1.48 -6.41 -24.29
C GLU A 7 -1.20 -4.90 -24.14
N LEU A 8 -1.95 -4.24 -23.25
CA LEU A 8 -1.76 -2.83 -22.97
C LEU A 8 -0.46 -2.51 -22.22
N PHE A 9 0.23 -3.54 -21.76
CA PHE A 9 1.48 -3.37 -21.02
C PHE A 9 2.73 -3.80 -21.75
N THR A 10 2.61 -4.16 -23.02
CA THR A 10 3.75 -4.69 -23.77
C THR A 10 4.83 -3.63 -24.04
N GLY A 11 4.49 -2.35 -23.92
CA GLY A 11 5.47 -1.26 -23.99
C GLY A 11 5.46 -0.38 -22.73
N VAL A 12 6.14 0.75 -22.82
CA VAL A 12 6.20 1.73 -21.72
C VAL A 12 4.86 2.44 -21.60
N VAL A 13 4.38 2.59 -20.37
CA VAL A 13 3.07 3.15 -20.11
C VAL A 13 3.23 4.32 -19.18
N PRO A 14 2.66 5.48 -19.52
CA PRO A 14 2.66 6.64 -18.63
C PRO A 14 1.77 6.43 -17.43
N ILE A 15 2.19 6.95 -16.28
CA ILE A 15 1.44 6.79 -15.03
C ILE A 15 1.16 8.12 -14.36
N LEU A 16 0.01 8.19 -13.72
CA LEU A 16 -0.35 9.31 -12.89
C LEU A 16 -0.90 8.79 -11.58
N VAL A 17 -0.47 9.41 -10.48
CA VAL A 17 -0.94 9.03 -9.15
C VAL A 17 -1.47 10.23 -8.35
N GLU A 18 -2.68 10.13 -7.84
CA GLU A 18 -3.29 11.17 -7.00
C GLU A 18 -3.73 10.60 -5.64
N LEU A 19 -3.30 11.22 -4.56
CA LEU A 19 -3.63 10.75 -3.21
C LEU A 19 -4.11 11.88 -2.32
N ASP A 20 -5.30 11.71 -1.77
CA ASP A 20 -5.79 12.56 -0.71
C ASP A 20 -5.78 11.82 0.62
N GLY A 21 -5.11 12.40 1.61
CA GLY A 21 -4.93 11.77 2.90
C GLY A 21 -5.34 12.62 4.08
N ASP A 22 -5.71 11.93 5.16
CA ASP A 22 -5.94 12.54 6.48
C ASP A 22 -5.39 11.57 7.52
N VAL A 23 -4.30 11.96 8.17
CA VAL A 23 -3.79 11.18 9.29
C VAL A 23 -3.89 11.97 10.58
N ASN A 24 -4.67 11.45 11.53
CA ASN A 24 -4.86 12.09 12.83
C ASN A 24 -5.35 13.50 12.70
N GLY A 25 -6.07 13.80 11.62
CA GLY A 25 -6.53 15.15 11.35
C GLY A 25 -5.60 15.98 10.48
N HIS A 26 -4.38 15.49 10.26
CA HIS A 26 -3.45 16.15 9.36
C HIS A 26 -3.75 15.83 7.90
N LYS A 27 -4.38 16.76 7.20
CA LYS A 27 -4.75 16.52 5.82
C LYS A 27 -3.54 16.81 4.92
N PHE A 28 -3.48 16.14 3.78
CA PHE A 28 -2.45 16.39 2.77
C PHE A 28 -2.79 15.73 1.41
N SER A 29 -2.04 16.12 0.37
CA SER A 29 -2.24 15.59 -0.98
C SER A 29 -0.92 15.39 -1.68
N VAL A 30 -0.82 14.26 -2.35
CA VAL A 30 0.36 13.89 -3.07
C VAL A 30 -0.10 13.64 -4.47
N SER A 31 0.75 14.02 -5.41
CA SER A 31 0.47 13.89 -6.81
C SER A 31 1.73 13.37 -7.44
N GLY A 32 1.65 12.37 -8.30
CA GLY A 32 2.85 11.76 -8.85
C GLY A 32 2.69 11.44 -10.31
N GLU A 33 3.81 11.43 -11.04
CA GLU A 33 3.80 11.01 -12.43
C GLU A 33 5.07 10.28 -12.84
N GLY A 34 4.94 9.48 -13.88
CA GLY A 34 6.05 8.68 -14.35
C GLY A 34 5.65 7.64 -15.38
N GLU A 35 6.38 6.54 -15.41
CA GLU A 35 6.04 5.44 -16.29
C GLU A 35 6.44 4.10 -15.75
N GLY A 36 5.87 3.06 -16.35
CA GLY A 36 6.18 1.68 -16.02
C GLY A 36 6.39 0.84 -17.25
N ASP A 37 7.10 -0.28 -17.09
CA ASP A 37 7.52 -1.13 -18.19
C ASP A 37 7.50 -2.59 -17.77
N ALA A 38 6.33 -3.22 -17.85
CA ALA A 38 6.11 -4.53 -17.22
C ALA A 38 6.68 -5.75 -17.95
N THR A 39 7.10 -5.60 -19.21
CA THR A 39 7.52 -6.77 -20.00
C THR A 39 8.55 -7.59 -19.24
N PHE A 40 8.43 -8.92 -19.35
CA PHE A 40 9.44 -9.81 -18.78
C PHE A 40 10.41 -10.24 -19.84
N GLY A 41 11.69 -10.13 -19.49
CA GLY A 41 12.81 -10.68 -20.25
C GLY A 41 13.86 -11.01 -19.19
N GLY A 42 14.57 -12.12 -19.35
CA GLY A 42 15.54 -12.53 -18.34
C GLY A 42 16.72 -13.27 -18.94
N SER A 43 17.82 -13.25 -18.21
CA SER A 43 19.06 -13.92 -18.60
C SER A 43 19.44 -14.77 -17.41
N ALA A 44 19.71 -16.06 -17.58
CA ALA A 44 20.09 -16.87 -16.43
C ALA A 44 21.44 -16.39 -15.88
N ASP A 45 22.32 -16.03 -16.81
CA ASP A 45 23.68 -15.63 -16.47
C ASP A 45 23.71 -14.34 -15.66
N LEU A 46 22.96 -13.34 -16.11
CA LEU A 46 22.97 -12.05 -15.42
C LEU A 46 22.30 -12.18 -14.09
N GLU A 47 21.08 -12.73 -14.11
CA GLU A 47 20.39 -13.13 -12.89
C GLU A 47 21.35 -13.68 -11.84
N ASP A 48 22.18 -14.65 -12.26
CA ASP A 48 23.12 -15.31 -11.37
C ASP A 48 24.27 -14.38 -10.93
N ASN A 49 24.98 -13.77 -11.88
CA ASN A 49 25.95 -12.69 -11.53
C ASN A 49 25.34 -11.62 -10.58
N MET A 50 24.11 -11.20 -10.85
CA MET A 50 23.46 -10.20 -10.02
C MET A 50 23.13 -10.74 -8.61
N GLU A 51 22.74 -12.01 -8.52
CA GLU A 51 22.61 -12.70 -7.24
C GLU A 51 23.93 -12.67 -6.46
N THR A 52 25.02 -13.01 -7.10
CA THR A 52 26.30 -12.95 -6.40
C THR A 52 26.56 -11.57 -5.85
N LEU A 53 26.53 -10.58 -6.74
CA LEU A 53 26.69 -9.18 -6.32
C LEU A 53 25.78 -8.87 -5.15
N ASN A 54 24.50 -9.13 -5.29
CA ASN A 54 23.56 -8.76 -4.24
C ASN A 54 23.87 -9.37 -2.87
N ASP A 55 24.26 -10.64 -2.85
CA ASP A 55 24.41 -11.37 -1.57
C ASP A 55 25.65 -10.89 -0.87
N ASN A 56 26.71 -10.69 -1.63
CA ASN A 56 28.01 -10.32 -1.07
C ASN A 56 28.06 -8.88 -0.55
N LEU A 57 27.18 -8.03 -1.06
CA LEU A 57 26.99 -6.71 -0.51
C LEU A 57 26.42 -6.82 0.89
N LYS A 58 25.42 -7.68 1.08
CA LYS A 58 24.84 -7.90 2.41
C LYS A 58 25.89 -8.45 3.37
N VAL A 59 26.70 -9.39 2.90
CA VAL A 59 27.77 -9.95 3.72
C VAL A 59 28.69 -8.84 4.22
N ILE A 60 29.05 -7.92 3.32
CA ILE A 60 29.86 -6.77 3.69
C ILE A 60 29.20 -5.91 4.75
N GLU A 61 27.94 -5.56 4.51
CA GLU A 61 27.19 -4.68 5.43
C GLU A 61 27.20 -5.17 6.88
N LYS A 62 27.14 -6.49 7.06
CA LYS A 62 27.06 -7.09 8.39
C LYS A 62 28.40 -7.55 8.93
N ALA A 63 29.42 -7.61 8.07
CA ALA A 63 30.70 -8.17 8.46
C ALA A 63 31.31 -7.53 9.71
N ASP A 64 32.16 -8.29 10.38
CA ASP A 64 32.92 -7.79 11.52
C ASP A 64 34.32 -7.39 11.06
N ASN A 65 35.05 -8.36 10.50
CA ASN A 65 36.48 -8.21 10.19
C ASN A 65 36.76 -7.98 8.71
N ALA A 66 38.00 -7.56 8.44
CA ALA A 66 38.48 -7.34 7.08
C ALA A 66 38.44 -8.62 6.23
N ALA A 67 38.92 -9.72 6.80
CA ALA A 67 38.95 -11.01 6.09
C ALA A 67 37.62 -11.28 5.37
N GLN A 68 36.51 -11.11 6.09
CA GLN A 68 35.15 -11.26 5.52
C GLN A 68 34.88 -10.29 4.39
N VAL A 69 35.24 -9.02 4.60
CA VAL A 69 35.01 -7.97 3.60
C VAL A 69 35.86 -8.21 2.33
N LYS A 70 37.15 -8.45 2.49
CA LYS A 70 38.02 -8.78 1.35
C LYS A 70 37.44 -9.91 0.52
N ASP A 71 37.11 -11.00 1.21
CA ASP A 71 36.66 -12.23 0.56
C ASP A 71 35.44 -11.90 -0.27
N ALA A 72 34.50 -11.20 0.36
CA ALA A 72 33.26 -10.77 -0.27
C ALA A 72 33.49 -9.86 -1.48
N LEU A 73 34.35 -8.84 -1.32
CA LEU A 73 34.62 -7.87 -2.39
C LEU A 73 35.27 -8.53 -3.60
N THR A 74 36.16 -9.47 -3.34
CA THR A 74 36.83 -10.22 -4.39
C THR A 74 35.81 -10.98 -5.22
N LYS A 75 34.79 -11.52 -4.55
CA LYS A 75 33.79 -12.35 -5.23
C LYS A 75 32.86 -11.54 -6.13
N MET A 76 32.50 -10.35 -5.66
CA MET A 76 31.76 -9.36 -6.45
C MET A 76 32.54 -8.98 -7.70
N ARG A 77 33.86 -8.80 -7.55
CA ARG A 77 34.70 -8.37 -8.66
C ARG A 77 34.64 -9.37 -9.81
N ALA A 78 34.65 -10.66 -9.51
CA ALA A 78 34.49 -11.71 -10.51
C ALA A 78 33.11 -11.63 -11.19
N ALA A 79 32.08 -11.36 -10.40
CA ALA A 79 30.72 -11.30 -10.92
C ALA A 79 30.61 -10.14 -11.88
N ALA A 80 31.18 -9.02 -11.47
CA ALA A 80 31.18 -7.80 -12.26
C ALA A 80 31.75 -8.07 -13.64
N LEU A 81 32.98 -8.57 -13.68
CA LEU A 81 33.67 -8.76 -14.96
C LEU A 81 32.96 -9.80 -15.79
N ASP A 82 32.29 -10.74 -15.14
CA ASP A 82 31.54 -11.76 -15.85
C ASP A 82 30.24 -11.16 -16.39
N ALA A 83 29.54 -10.40 -15.54
CA ALA A 83 28.34 -9.64 -15.96
C ALA A 83 28.62 -8.69 -17.12
N GLN A 84 29.85 -8.18 -17.21
CA GLN A 84 30.26 -7.25 -18.26
C GLN A 84 30.21 -7.83 -19.67
N LYS A 85 30.29 -9.16 -19.79
CA LYS A 85 30.29 -9.82 -21.09
C LYS A 85 28.87 -10.19 -21.54
N ALA A 86 27.88 -10.02 -20.66
CA ALA A 86 26.51 -10.43 -20.96
C ALA A 86 25.79 -9.35 -21.75
N THR A 87 24.63 -9.75 -22.26
CA THR A 87 23.77 -8.88 -23.01
C THR A 87 22.48 -8.84 -22.25
N PRO A 88 22.13 -7.68 -21.70
CA PRO A 88 20.96 -7.65 -20.84
C PRO A 88 19.73 -7.78 -21.71
N PRO A 89 18.65 -8.37 -21.19
CA PRO A 89 17.49 -8.49 -22.04
C PRO A 89 17.06 -7.21 -22.71
N LYS A 90 17.10 -6.07 -22.01
CA LYS A 90 16.69 -4.78 -22.62
C LYS A 90 17.48 -4.39 -23.86
N LEU A 91 18.69 -4.91 -24.02
CA LEU A 91 19.51 -4.57 -25.18
C LEU A 91 19.77 -5.74 -26.14
N GLU A 92 18.91 -6.75 -26.15
CA GLU A 92 19.06 -7.89 -27.05
C GLU A 92 19.21 -7.55 -28.52
N ASP A 93 18.41 -6.59 -28.97
CA ASP A 93 18.36 -6.20 -30.38
C ASP A 93 19.52 -5.28 -30.76
N LYS A 94 20.29 -4.85 -29.78
CA LYS A 94 21.34 -3.86 -30.03
C LYS A 94 22.63 -4.57 -30.41
N SER A 95 23.40 -3.90 -31.25
CA SER A 95 24.68 -4.39 -31.71
C SER A 95 25.66 -4.44 -30.54
N PRO A 96 26.52 -5.45 -30.48
CA PRO A 96 27.45 -5.50 -29.34
C PRO A 96 28.29 -4.23 -29.17
N ASP A 97 28.54 -3.51 -30.26
CA ASP A 97 29.35 -2.31 -30.19
C ASP A 97 28.48 -1.06 -30.32
N SER A 98 27.23 -1.16 -29.94
CA SER A 98 26.35 -0.01 -29.92
C SER A 98 26.62 0.91 -28.71
N PRO A 99 26.21 2.19 -28.83
CA PRO A 99 26.44 3.10 -27.74
C PRO A 99 25.84 2.61 -26.45
N GLU A 100 24.63 2.06 -26.54
CA GLU A 100 23.98 1.48 -25.35
C GLU A 100 24.77 0.31 -24.72
N MET A 101 25.21 -0.67 -25.52
CA MET A 101 26.01 -1.81 -24.98
C MET A 101 27.37 -1.38 -24.43
N LYS A 102 27.96 -0.35 -25.02
CA LYS A 102 29.20 0.21 -24.47
C LYS A 102 29.02 0.84 -23.11
N ASP A 103 27.90 1.53 -22.93
CA ASP A 103 27.57 2.20 -21.67
C ASP A 103 27.33 1.17 -20.63
N PHE A 104 26.68 0.09 -21.04
CA PHE A 104 26.40 -1.02 -20.14
C PHE A 104 27.74 -1.56 -19.59
N ARG A 105 28.67 -1.85 -20.49
CA ARG A 105 29.96 -2.34 -20.06
C ARG A 105 30.65 -1.30 -19.20
N HIS A 106 30.51 -0.02 -19.56
CA HIS A 106 31.15 1.06 -18.82
C HIS A 106 30.65 1.11 -17.39
N GLY A 107 29.39 0.72 -17.18
CA GLY A 107 28.84 0.65 -15.84
C GLY A 107 29.63 -0.27 -14.94
N PHE A 108 30.10 -1.39 -15.50
CA PHE A 108 30.91 -2.33 -14.72
C PHE A 108 32.37 -1.86 -14.58
N ASP A 109 32.88 -1.08 -15.53
CA ASP A 109 34.19 -0.38 -15.32
C ASP A 109 34.16 0.55 -14.09
N ILE A 110 33.06 1.27 -13.89
CA ILE A 110 32.92 2.10 -12.71
C ILE A 110 32.85 1.20 -11.51
N LEU A 111 32.02 0.16 -11.59
CA LEU A 111 31.75 -0.70 -10.44
C LEU A 111 33.02 -1.40 -9.93
N VAL A 112 33.74 -2.05 -10.84
CA VAL A 112 35.04 -2.64 -10.50
C VAL A 112 36.01 -1.59 -9.94
N GLY A 113 35.99 -0.38 -10.49
CA GLY A 113 36.79 0.71 -9.95
C GLY A 113 36.48 0.94 -8.47
N GLN A 114 35.19 1.03 -8.16
CA GLN A 114 34.74 1.27 -6.79
C GLN A 114 35.07 0.11 -5.89
N ILE A 115 35.03 -1.11 -6.42
CA ILE A 115 35.33 -2.31 -5.63
C ILE A 115 36.80 -2.30 -5.22
N ASP A 116 37.67 -2.03 -6.19
CA ASP A 116 39.09 -1.90 -5.91
C ASP A 116 39.37 -0.86 -4.85
N ASP A 117 38.70 0.29 -4.93
CA ASP A 117 38.79 1.29 -3.86
C ASP A 117 38.49 0.63 -2.52
N ALA A 118 37.41 -0.13 -2.46
CA ALA A 118 37.02 -0.81 -1.23
C ALA A 118 37.98 -1.93 -0.86
N LEU A 119 38.59 -2.57 -1.86
CA LEU A 119 39.63 -3.57 -1.57
C LEU A 119 40.86 -2.97 -0.89
N LYS A 120 41.34 -1.82 -1.37
CA LYS A 120 42.50 -1.17 -0.77
C LYS A 120 42.22 -0.89 0.71
N LEU A 121 41.08 -0.28 1.01
CA LEU A 121 40.69 0.00 2.39
C LEU A 121 40.58 -1.27 3.23
N ALA A 122 40.10 -2.36 2.61
CA ALA A 122 39.98 -3.65 3.30
C ALA A 122 41.34 -4.27 3.61
N ASN A 123 42.25 -4.22 2.64
CA ASN A 123 43.58 -4.77 2.82
C ASN A 123 44.35 -4.10 3.96
N GLU A 124 44.11 -2.80 4.14
CA GLU A 124 44.75 -2.01 5.20
C GLU A 124 44.18 -2.30 6.60
N GLY A 125 43.04 -2.99 6.67
CA GLY A 125 42.39 -3.29 7.96
C GLY A 125 41.26 -2.32 8.29
N LYS A 126 41.09 -1.31 7.46
CA LYS A 126 40.11 -0.25 7.69
C LYS A 126 38.71 -0.75 7.32
N VAL A 127 38.15 -1.58 8.19
CA VAL A 127 36.88 -2.28 7.94
C VAL A 127 35.72 -1.28 7.81
N LYS A 128 35.66 -0.33 8.74
CA LYS A 128 34.65 0.72 8.72
C LYS A 128 34.67 1.49 7.40
N GLU A 129 35.85 2.03 7.06
CA GLU A 129 36.03 2.86 5.88
C GLU A 129 35.69 2.07 4.62
N ALA A 130 36.07 0.80 4.60
CA ALA A 130 35.80 -0.08 3.47
C ALA A 130 34.29 -0.28 3.29
N GLN A 131 33.58 -0.49 4.39
CA GLN A 131 32.14 -0.68 4.31
C GLN A 131 31.44 0.57 3.79
N ALA A 132 31.96 1.74 4.15
CA ALA A 132 31.43 3.01 3.65
C ALA A 132 31.70 3.20 2.16
N ALA A 133 32.81 2.67 1.67
CA ALA A 133 33.16 2.75 0.24
C ALA A 133 32.36 1.72 -0.55
N ALA A 134 32.01 0.62 0.12
CA ALA A 134 31.14 -0.41 -0.46
C ALA A 134 29.74 0.12 -0.67
N GLU A 135 29.30 1.05 0.18
CA GLU A 135 27.95 1.60 0.09
C GLU A 135 27.73 2.36 -1.22
N GLN A 136 28.78 3.00 -1.71
CA GLN A 136 28.65 3.87 -2.89
C GLN A 136 28.41 3.11 -4.17
N LEU A 137 28.74 1.80 -4.16
CA LEU A 137 28.31 0.89 -5.23
C LEU A 137 26.81 0.99 -5.53
N LYS A 138 26.00 1.19 -4.50
CA LYS A 138 24.53 1.28 -4.66
C LYS A 138 24.13 2.38 -5.63
N THR A 139 24.90 3.45 -5.66
CA THR A 139 24.60 4.56 -6.55
C THR A 139 24.74 4.14 -8.01
N THR A 140 25.73 3.31 -8.28
CA THR A 140 26.00 2.82 -9.61
C THR A 140 24.96 1.81 -10.02
N ARG A 141 24.66 0.88 -9.10
CA ARG A 141 23.57 -0.07 -9.29
C ARG A 141 22.27 0.66 -9.66
N ASN A 142 21.90 1.68 -8.88
CA ASN A 142 20.65 2.44 -9.12
C ASN A 142 20.63 3.15 -10.46
N ALA A 143 21.72 3.82 -10.79
CA ALA A 143 21.83 4.48 -12.10
C ALA A 143 21.70 3.46 -13.23
N TYR A 144 22.50 2.38 -13.14
CA TYR A 144 22.49 1.38 -14.22
C TYR A 144 21.25 0.49 -14.24
N HIS A 145 20.68 0.16 -13.08
CA HIS A 145 19.42 -0.55 -13.12
C HIS A 145 18.37 0.29 -13.82
N GLN A 146 18.39 1.59 -13.56
CA GLN A 146 17.39 2.49 -14.17
C GLN A 146 17.52 2.56 -15.69
N LYS A 147 18.69 2.33 -16.23
CA LYS A 147 18.82 2.30 -17.68
C LYS A 147 18.58 0.93 -18.27
N TYR A 148 19.04 -0.11 -17.61
CA TYR A 148 19.16 -1.41 -18.27
C TYR A 148 18.39 -2.60 -17.64
N ARG A 149 17.88 -2.45 -16.41
CA ARG A 149 17.25 -3.56 -15.73
C ARG A 149 15.80 -3.58 -16.05
N GLY A 150 15.23 -4.76 -16.21
CA GLY A 150 13.88 -4.91 -16.72
C GLY A 150 12.84 -4.75 -15.65
N GLY A 151 11.67 -4.29 -16.09
CA GLY A 151 10.54 -4.03 -15.18
C GLY A 151 10.57 -2.66 -14.53
N LYS A 152 11.24 -1.71 -15.16
CA LYS A 152 11.42 -0.44 -14.49
C LYS A 152 10.11 0.27 -14.25
N LEU A 153 9.88 0.63 -12.99
CA LEU A 153 8.80 1.50 -12.61
C LEU A 153 9.45 2.75 -12.03
N THR A 154 9.07 3.91 -12.55
CA THR A 154 9.73 5.15 -12.16
C THR A 154 8.71 6.25 -11.99
N LEU A 155 8.81 6.99 -10.91
CA LEU A 155 7.77 7.97 -10.56
C LEU A 155 8.37 9.05 -9.67
N LYS A 156 7.85 10.27 -9.82
CA LYS A 156 8.25 11.39 -8.98
C LYS A 156 6.97 11.86 -8.35
N PHE A 157 6.99 12.00 -7.03
CA PHE A 157 5.80 12.38 -6.26
C PHE A 157 6.06 13.68 -5.57
N ILE A 158 5.08 14.58 -5.58
CA ILE A 158 5.19 15.88 -4.93
C ILE A 158 4.09 16.02 -3.92
N CYS A 159 4.41 16.55 -2.74
CA CYS A 159 3.37 16.88 -1.79
C CYS A 159 2.81 18.24 -2.15
N THR A 160 1.59 18.25 -2.65
CA THR A 160 1.04 19.40 -3.31
C THR A 160 0.42 20.38 -2.33
N THR A 161 0.28 19.94 -1.08
CA THR A 161 -0.30 20.76 -0.01
C THR A 161 0.79 21.32 0.90
N GLY A 162 2.06 21.12 0.54
CA GLY A 162 3.18 21.71 1.29
C GLY A 162 4.08 20.67 1.91
N LYS A 163 4.22 20.72 3.23
CA LYS A 163 5.02 19.71 3.94
C LYS A 163 4.20 18.44 4.23
N LEU A 164 4.80 17.28 3.99
CA LEU A 164 4.11 16.03 4.25
C LEU A 164 4.17 15.72 5.74
N PRO A 165 3.02 15.43 6.38
CA PRO A 165 3.00 15.20 7.82
C PRO A 165 3.29 13.73 8.25
N VAL A 166 3.60 12.88 7.27
CA VAL A 166 4.05 11.51 7.52
C VAL A 166 5.33 11.28 6.69
N PRO A 167 6.20 10.33 7.08
CA PRO A 167 7.35 10.07 6.23
C PRO A 167 6.96 9.44 4.89
N TRP A 168 7.67 9.86 3.85
CA TRP A 168 7.44 9.40 2.49
C TRP A 168 7.46 7.90 2.38
N PRO A 169 8.45 7.25 3.02
CA PRO A 169 8.50 5.78 2.99
C PRO A 169 7.20 5.08 3.40
N THR A 170 6.48 5.63 4.38
CA THR A 170 5.22 5.01 4.80
C THR A 170 4.13 5.03 3.72
N LEU A 171 4.31 5.85 2.67
CA LEU A 171 3.28 6.02 1.62
C LEU A 171 3.59 5.23 0.35
N VAL A 172 4.77 4.60 0.32
CA VAL A 172 5.25 3.91 -0.88
C VAL A 172 4.27 2.86 -1.38
N THR A 173 3.92 1.94 -0.51
CA THR A 173 3.01 0.85 -0.90
C THR A 173 1.68 1.38 -1.46
N THR A 174 1.15 2.44 -0.84
CA THR A 174 -0.13 3.03 -1.27
C THR A 174 -0.01 3.68 -2.64
N LEU A 175 1.01 4.51 -2.82
CA LEU A 175 1.22 5.18 -4.10
C LEU A 175 1.60 4.23 -5.21
N1 CRO A 176 2.49 3.27 -4.92
CA1 CRO A 176 2.88 2.24 -5.91
CB1 CRO A 176 4.37 2.37 -6.25
CG1 CRO A 176 4.73 3.77 -6.75
OG1 CRO A 176 5.17 2.08 -5.12
C1 CRO A 176 2.55 0.90 -5.28
N2 CRO A 176 3.44 0.14 -4.65
N3 CRO A 176 1.35 0.33 -5.23
C2 CRO A 176 1.49 -0.80 -4.54
O2 CRO A 176 0.56 -1.56 -4.30
CA2 CRO A 176 2.83 -0.95 -4.19
CA3 CRO A 176 0.05 0.84 -5.71
C3 CRO A 176 -0.34 0.55 -7.15
O3 CRO A 176 -1.47 0.83 -7.56
CB2 CRO A 176 3.28 -2.04 -3.47
CG2 CRO A 176 4.58 -2.35 -3.01
CD1 CRO A 176 5.72 -1.56 -3.19
CD2 CRO A 176 4.73 -3.52 -2.31
CE1 CRO A 176 6.95 -1.98 -2.69
CE2 CRO A 176 5.96 -3.93 -1.82
CZ CRO A 176 7.09 -3.17 -2.01
OH CRO A 176 8.29 -3.60 -1.49
N VAL A 177 0.59 0.03 -7.94
CA VAL A 177 0.33 -0.18 -9.38
C VAL A 177 0.98 -1.51 -9.74
N GLN A 178 0.43 -2.56 -9.15
CA GLN A 178 1.07 -3.87 -9.18
C GLN A 178 0.84 -4.55 -10.53
N CYS A 179 -0.04 -3.97 -11.32
CA CYS A 179 -0.08 -4.25 -12.75
C CYS A 179 1.23 -4.03 -13.47
N PHE A 180 2.20 -3.30 -12.89
CA PHE A 180 3.52 -3.16 -13.53
C PHE A 180 4.54 -4.20 -13.04
N SER A 181 4.07 -5.26 -12.42
CA SER A 181 4.97 -6.33 -12.01
C SER A 181 5.33 -7.15 -13.28
N ARG A 182 6.51 -7.74 -13.30
CA ARG A 182 6.90 -8.61 -14.39
C ARG A 182 6.42 -10.03 -14.09
N TYR A 183 5.42 -10.51 -14.82
CA TYR A 183 5.09 -11.91 -14.74
C TYR A 183 5.89 -12.66 -15.79
N PRO A 184 6.67 -13.69 -15.37
CA PRO A 184 7.42 -14.50 -16.33
C PRO A 184 6.49 -15.20 -17.29
N ASP A 185 6.98 -15.52 -18.48
CA ASP A 185 6.10 -16.03 -19.56
C ASP A 185 5.21 -17.20 -19.10
N HIS A 186 5.77 -18.14 -18.33
CA HIS A 186 4.98 -19.27 -17.82
C HIS A 186 3.90 -18.89 -16.78
N MET A 187 4.09 -17.80 -16.00
CA MET A 187 3.09 -17.38 -15.00
C MET A 187 2.00 -16.40 -15.49
N LYS A 188 1.98 -16.11 -16.80
CA LYS A 188 1.07 -15.08 -17.36
C LYS A 188 -0.43 -15.28 -17.11
N GLN A 189 -0.83 -16.50 -16.80
CA GLN A 189 -2.24 -16.79 -16.48
C GLN A 189 -2.55 -16.48 -15.01
N HIS A 190 -1.53 -16.12 -14.22
CA HIS A 190 -1.73 -15.76 -12.81
C HIS A 190 -1.65 -14.25 -12.51
N ASP A 191 -1.73 -13.43 -13.56
CA ASP A 191 -1.58 -11.97 -13.42
C ASP A 191 -2.95 -11.31 -13.35
N PHE A 192 -3.56 -11.37 -12.17
CA PHE A 192 -4.83 -10.70 -11.96
C PHE A 192 -4.80 -9.25 -12.47
N PHE A 193 -3.74 -8.53 -12.10
CA PHE A 193 -3.71 -7.10 -12.22
C PHE A 193 -3.89 -6.60 -13.65
N LYS A 194 -3.04 -7.09 -14.56
CA LYS A 194 -3.13 -6.72 -15.96
C LYS A 194 -4.41 -7.24 -16.56
N SER A 195 -4.89 -8.39 -16.09
CA SER A 195 -6.09 -9.00 -16.68
C SER A 195 -7.34 -8.11 -16.53
N ALA A 196 -7.35 -7.28 -15.49
CA ALA A 196 -8.53 -6.48 -15.16
C ALA A 196 -8.62 -5.22 -16.00
N MET A 197 -7.52 -4.87 -16.65
CA MET A 197 -7.47 -3.63 -17.42
C MET A 197 -8.19 -3.78 -18.77
N PRO A 198 -8.69 -2.67 -19.34
CA PRO A 198 -8.54 -1.27 -18.89
C PRO A 198 -9.58 -0.79 -17.88
N GLU A 199 -10.67 -1.53 -17.68
CA GLU A 199 -11.69 -1.10 -16.72
C GLU A 199 -11.10 -0.99 -15.32
N GLY A 200 -10.10 -1.82 -15.03
CA GLY A 200 -9.29 -1.67 -13.82
C GLY A 200 -9.78 -2.40 -12.59
N TYR A 201 -9.17 -2.07 -11.45
CA TYR A 201 -9.51 -2.71 -10.17
C TYR A 201 -9.54 -1.76 -9.00
N VAL A 202 -10.33 -2.10 -7.99
CA VAL A 202 -10.34 -1.35 -6.73
C VAL A 202 -9.34 -2.01 -5.79
N GLN A 203 -8.48 -1.21 -5.14
CA GLN A 203 -7.49 -1.76 -4.21
C GLN A 203 -7.62 -1.19 -2.81
N GLU A 204 -7.98 -2.04 -1.85
CA GLU A 204 -8.22 -1.65 -0.46
C GLU A 204 -7.17 -2.22 0.49
N ARG A 205 -6.74 -1.45 1.46
CA ARG A 205 -5.76 -1.95 2.40
C ARG A 205 -6.04 -1.46 3.78
N THR A 206 -5.58 -2.22 4.75
CA THR A 206 -5.35 -1.71 6.07
C THR A 206 -3.89 -2.00 6.37
N ILE A 207 -3.18 -0.98 6.84
CA ILE A 207 -1.75 -1.10 7.16
C ILE A 207 -1.57 -0.84 8.63
N PHE A 208 -1.15 -1.87 9.37
CA PHE A 208 -1.00 -1.74 10.82
C PHE A 208 0.45 -1.47 11.16
N PHE A 209 0.73 -0.28 11.69
CA PHE A 209 2.08 0.05 12.14
C PHE A 209 2.22 -0.42 13.57
N LYS A 210 3.20 -1.30 13.77
CA LYS A 210 3.39 -1.95 15.05
C LYS A 210 3.57 -0.91 16.14
N ASP A 211 2.76 -1.01 17.18
CA ASP A 211 2.83 -0.11 18.34
C ASP A 211 2.55 1.38 17.98
N ASP A 212 1.83 1.60 16.88
CA ASP A 212 1.41 2.93 16.49
C ASP A 212 0.06 2.81 15.77
N GLY A 213 -0.38 3.88 15.13
CA GLY A 213 -1.66 3.88 14.42
C GLY A 213 -1.70 3.00 13.17
N ASN A 214 -2.79 3.13 12.41
CA ASN A 214 -2.94 2.38 11.16
C ASN A 214 -3.45 3.28 10.02
N TYR A 215 -3.12 2.91 8.79
CA TYR A 215 -3.68 3.57 7.61
C TYR A 215 -4.72 2.66 7.02
N LYS A 216 -5.77 3.26 6.48
CA LYS A 216 -6.77 2.50 5.78
C LYS A 216 -7.00 3.22 4.47
N THR A 217 -6.79 2.52 3.35
CA THR A 217 -6.76 3.14 2.02
C THR A 217 -7.76 2.50 1.08
N ARG A 218 -8.32 3.30 0.17
CA ARG A 218 -9.14 2.80 -0.94
C ARG A 218 -8.67 3.47 -2.21
N ALA A 219 -8.45 2.68 -3.26
CA ALA A 219 -7.86 3.17 -4.49
C ALA A 219 -8.56 2.61 -5.73
N GLU A 220 -8.56 3.39 -6.81
CA GLU A 220 -8.95 2.90 -8.14
C GLU A 220 -7.75 2.97 -9.08
N VAL A 221 -7.41 1.84 -9.69
CA VAL A 221 -6.33 1.73 -10.67
C VAL A 221 -6.94 1.36 -12.02
N LYS A 222 -6.86 2.24 -13.02
CA LYS A 222 -7.48 2.03 -14.33
C LYS A 222 -6.82 2.88 -15.41
N PHE A 223 -7.13 2.60 -16.66
CA PHE A 223 -6.62 3.40 -17.75
C PHE A 223 -7.56 4.56 -17.99
N GLU A 224 -6.98 5.77 -18.05
CA GLU A 224 -7.72 6.95 -18.46
C GLU A 224 -7.04 7.45 -19.71
N GLY A 225 -7.64 7.13 -20.85
CA GLY A 225 -6.96 7.26 -22.11
C GLY A 225 -5.80 6.31 -22.12
N ASP A 226 -4.63 6.81 -22.51
CA ASP A 226 -3.43 5.99 -22.59
C ASP A 226 -2.69 5.92 -21.27
N THR A 227 -3.15 6.65 -20.26
CA THR A 227 -2.50 6.65 -18.94
C THR A 227 -3.11 5.65 -17.92
N LEU A 228 -2.23 4.89 -17.29
CA LEU A 228 -2.60 4.11 -16.13
C LEU A 228 -2.64 5.04 -14.92
N VAL A 229 -3.80 5.13 -14.29
CA VAL A 229 -3.98 6.07 -13.18
C VAL A 229 -4.29 5.36 -11.86
N ASN A 230 -3.73 5.88 -10.78
CA ASN A 230 -3.97 5.35 -9.45
C ASN A 230 -4.42 6.48 -8.53
N ARG A 231 -5.67 6.42 -8.09
CA ARG A 231 -6.30 7.48 -7.28
C ARG A 231 -6.76 6.96 -5.93
N ILE A 232 -6.24 7.53 -4.85
CA ILE A 232 -6.42 6.97 -3.54
C ILE A 232 -6.98 7.97 -2.54
N GLU A 233 -7.85 7.49 -1.65
N GLU A 233 -7.80 7.48 -1.63
CA GLU A 233 -8.15 8.20 -0.42
CA GLU A 233 -8.12 8.21 -0.41
C GLU A 233 -7.47 7.41 0.70
C GLU A 233 -7.48 7.40 0.72
N LEU A 234 -6.96 8.07 1.73
CA LEU A 234 -6.28 7.40 2.88
C LEU A 234 -6.62 8.05 4.21
N LYS A 235 -7.24 7.31 5.13
CA LYS A 235 -7.41 7.76 6.54
C LYS A 235 -6.44 7.06 7.45
N GLY A 236 -5.72 7.87 8.24
CA GLY A 236 -4.93 7.40 9.36
C GLY A 236 -5.57 7.77 10.70
N ILE A 237 -5.71 6.80 11.59
CA ILE A 237 -6.12 7.08 12.97
C ILE A 237 -5.19 6.40 13.97
N ASP A 238 -5.18 6.96 15.19
CA ASP A 238 -4.50 6.39 16.38
C ASP A 238 -3.00 6.51 16.41
N PHE A 239 -2.43 7.34 15.55
CA PHE A 239 -1.00 7.55 15.57
C PHE A 239 -0.56 8.32 16.81
N LYS A 240 0.61 7.95 17.33
CA LYS A 240 1.23 8.61 18.47
C LYS A 240 2.06 9.82 17.99
N GLU A 241 1.82 10.99 18.55
CA GLU A 241 2.48 12.21 18.09
C GLU A 241 4.00 12.22 18.25
N ASP A 242 4.55 11.41 19.16
CA ASP A 242 6.02 11.22 19.22
C ASP A 242 6.43 9.83 18.71
N GLY A 243 5.52 9.17 18.01
CA GLY A 243 5.81 7.89 17.36
C GLY A 243 6.73 8.09 16.18
N ASN A 244 7.04 7.00 15.50
CA ASN A 244 7.98 7.06 14.40
C ASN A 244 7.39 7.72 13.15
N ILE A 245 6.06 7.67 13.02
CA ILE A 245 5.40 8.20 11.83
C ILE A 245 5.28 9.71 11.93
N LEU A 246 4.54 10.20 12.92
CA LEU A 246 4.33 11.63 13.07
C LEU A 246 5.58 12.35 13.61
N GLY A 247 6.44 11.63 14.34
CA GLY A 247 7.71 12.19 14.83
C GLY A 247 8.81 12.21 13.77
N HIS A 248 8.54 11.65 12.59
CA HIS A 248 9.48 11.58 11.47
C HIS A 248 10.80 10.90 11.84
N LYS A 249 10.72 9.69 12.39
CA LYS A 249 11.91 8.93 12.80
C LYS A 249 12.31 7.82 11.81
N LEU A 250 11.55 7.68 10.72
CA LEU A 250 11.90 6.71 9.68
C LEU A 250 13.03 7.22 8.79
N GLU A 251 13.97 6.34 8.44
CA GLU A 251 15.06 6.70 7.53
C GLU A 251 14.51 6.86 6.12
N TYR A 252 15.17 7.66 5.29
CA TYR A 252 14.79 7.80 3.88
C TYR A 252 15.37 6.68 3.01
N ASN A 253 14.77 5.49 3.10
CA ASN A 253 15.21 4.33 2.34
C ASN A 253 14.09 3.29 2.34
N TYR A 254 14.26 2.25 1.53
CA TYR A 254 13.26 1.20 1.38
C TYR A 254 13.92 -0.21 1.24
N ASN A 255 13.29 -1.19 1.87
CA ASN A 255 13.78 -2.58 1.83
C ASN A 255 13.10 -3.39 0.72
N SER A 256 13.53 -4.64 0.54
CA SER A 256 12.94 -5.57 -0.45
C SER A 256 11.96 -6.55 0.23
N HIS A 257 10.86 -6.88 -0.43
CA HIS A 257 9.87 -7.69 0.25
C HIS A 257 9.21 -8.75 -0.63
N ASN A 258 8.54 -9.69 0.04
CA ASN A 258 7.66 -10.60 -0.65
C ASN A 258 6.22 -10.13 -0.46
N VAL A 259 5.46 -10.15 -1.54
CA VAL A 259 4.04 -9.82 -1.47
C VAL A 259 3.26 -11.08 -1.79
N TYR A 260 2.52 -11.60 -0.84
CA TYR A 260 1.86 -12.92 -1.02
C TYR A 260 0.46 -12.77 -1.58
N ILE A 261 0.18 -13.43 -2.69
CA ILE A 261 -1.11 -13.32 -3.38
C ILE A 261 -1.86 -14.64 -3.43
N MET A 262 -3.18 -14.59 -3.29
CA MET A 262 -4.05 -15.74 -3.52
C MET A 262 -5.41 -15.33 -4.06
N ALA A 263 -6.10 -16.26 -4.71
CA ALA A 263 -7.39 -15.96 -5.29
C ALA A 263 -8.44 -15.71 -4.20
N ASP A 264 -9.40 -14.84 -4.50
CA ASP A 264 -10.58 -14.68 -3.67
C ASP A 264 -11.78 -14.83 -4.58
N LYS A 265 -12.17 -16.09 -4.75
CA LYS A 265 -13.22 -16.49 -5.66
C LYS A 265 -14.53 -15.86 -5.25
N GLN A 266 -14.75 -15.77 -3.93
CA GLN A 266 -15.97 -15.13 -3.41
C GLN A 266 -16.17 -13.74 -4.03
N LYS A 267 -15.07 -13.02 -4.24
CA LYS A 267 -15.14 -11.62 -4.72
C LYS A 267 -14.53 -11.44 -6.13
N ASN A 268 -14.37 -12.53 -6.86
CA ASN A 268 -13.74 -12.51 -8.19
C ASN A 268 -12.43 -11.69 -8.19
N GLY A 269 -11.69 -11.78 -7.09
CA GLY A 269 -10.50 -10.97 -6.91
C GLY A 269 -9.36 -11.72 -6.26
N ILE A 270 -8.54 -10.99 -5.51
CA ILE A 270 -7.38 -11.57 -4.86
C ILE A 270 -7.27 -11.01 -3.45
N LYS A 271 -6.77 -11.84 -2.52
CA LYS A 271 -6.38 -11.38 -1.19
C LYS A 271 -4.88 -11.36 -1.12
N VAL A 272 -4.35 -10.38 -0.42
CA VAL A 272 -2.92 -10.10 -0.45
C VAL A 272 -2.45 -9.62 0.91
N ASN A 273 -1.32 -10.18 1.34
CA ASN A 273 -0.71 -9.81 2.60
C ASN A 273 0.81 -9.80 2.49
N PHE A 274 1.42 -8.91 3.28
CA PHE A 274 2.85 -8.77 3.40
C PHE A 274 3.17 -7.87 4.58
N LYS A 275 4.43 -7.86 4.98
CA LYS A 275 4.90 -7.02 6.06
C LYS A 275 6.05 -6.15 5.56
N ILE A 276 5.81 -4.84 5.49
CA ILE A 276 6.88 -3.91 5.14
C ILE A 276 7.74 -3.62 6.35
N ARG A 277 9.04 -3.53 6.13
CA ARG A 277 10.01 -3.26 7.17
C ARG A 277 10.60 -1.88 6.97
N HIS A 278 10.27 -0.95 7.86
CA HIS A 278 10.75 0.44 7.72
C HIS A 278 11.88 0.67 8.68
N ASN A 279 13.08 0.84 8.18
CA ASN A 279 14.22 1.22 9.04
C ASN A 279 14.02 2.51 9.82
N ILE A 280 14.33 2.48 11.11
CA ILE A 280 14.30 3.67 11.98
C ILE A 280 15.71 4.21 12.26
N GLU A 281 15.80 5.53 12.42
CA GLU A 281 17.07 6.24 12.62
C GLU A 281 18.01 5.65 13.68
N ASP A 282 17.45 5.14 14.78
CA ASP A 282 18.28 4.57 15.85
C ASP A 282 18.91 3.21 15.53
N GLY A 283 18.51 2.56 14.45
CA GLY A 283 19.04 1.25 14.10
C GLY A 283 17.99 0.17 14.20
N SER A 284 16.85 0.48 14.80
CA SER A 284 15.74 -0.47 14.88
C SER A 284 14.92 -0.51 13.58
N VAL A 285 13.89 -1.35 13.57
CA VAL A 285 13.01 -1.53 12.41
C VAL A 285 11.58 -1.45 12.89
N GLN A 286 10.71 -0.87 12.07
CA GLN A 286 9.32 -0.69 12.41
C GLN A 286 8.49 -1.40 11.35
N LEU A 287 7.69 -2.38 11.78
CA LEU A 287 6.94 -3.21 10.85
C LEU A 287 5.64 -2.55 10.46
N ALA A 288 5.29 -2.68 9.18
CA ALA A 288 4.00 -2.23 8.68
C ALA A 288 3.26 -3.44 8.12
N ASP A 289 2.21 -3.87 8.80
CA ASP A 289 1.46 -5.09 8.42
C ASP A 289 0.37 -4.78 7.43
N HIS A 290 0.51 -5.30 6.22
CA HIS A 290 -0.43 -4.99 5.15
C HIS A 290 -1.46 -6.08 4.95
N TYR A 291 -2.73 -5.67 4.94
CA TYR A 291 -3.85 -6.54 4.57
C TYR A 291 -4.53 -5.90 3.37
N GLN A 292 -4.71 -6.67 2.31
CA GLN A 292 -5.14 -6.12 1.04
C GLN A 292 -6.13 -7.03 0.29
N GLN A 293 -7.15 -6.42 -0.32
CA GLN A 293 -7.96 -7.09 -1.32
C GLN A 293 -8.04 -6.26 -2.61
N ASN A 294 -8.13 -6.95 -3.74
CA ASN A 294 -8.40 -6.30 -5.01
C ASN A 294 -9.65 -6.92 -5.66
N THR A 295 -10.47 -6.06 -6.25
CA THR A 295 -11.75 -6.39 -6.84
C THR A 295 -11.83 -5.71 -8.20
N PRO A 296 -12.34 -6.42 -9.22
CA PRO A 296 -12.43 -5.74 -10.52
C PRO A 296 -13.51 -4.66 -10.52
N ILE A 297 -13.38 -3.69 -11.41
CA ILE A 297 -14.39 -2.65 -11.59
C ILE A 297 -15.37 -3.12 -12.66
N GLY A 298 -14.84 -3.57 -13.79
CA GLY A 298 -15.65 -4.10 -14.90
C GLY A 298 -16.28 -5.47 -14.69
N ASP A 299 -17.31 -5.77 -15.48
CA ASP A 299 -17.95 -7.10 -15.45
C ASP A 299 -17.21 -8.14 -16.29
N GLY A 300 -16.22 -7.69 -17.08
CA GLY A 300 -15.44 -8.60 -17.92
C GLY A 300 -14.69 -9.62 -17.08
N PRO A 301 -14.36 -10.79 -17.66
CA PRO A 301 -13.69 -11.82 -16.86
C PRO A 301 -12.25 -11.46 -16.58
N VAL A 302 -11.68 -12.10 -15.57
CA VAL A 302 -10.37 -11.74 -15.01
C VAL A 302 -9.64 -12.99 -14.54
N LEU A 303 -8.31 -13.01 -14.64
CA LEU A 303 -7.53 -14.19 -14.23
C LEU A 303 -7.44 -14.29 -12.71
N LEU A 304 -7.99 -15.36 -12.14
CA LEU A 304 -7.87 -15.64 -10.71
C LEU A 304 -6.69 -16.56 -10.49
N PRO A 305 -5.67 -16.10 -9.76
CA PRO A 305 -4.44 -16.88 -9.70
C PRO A 305 -4.38 -17.98 -8.65
N ASP A 306 -3.35 -18.81 -8.78
CA ASP A 306 -2.93 -19.69 -7.72
C ASP A 306 -1.98 -18.96 -6.78
N ASN A 307 -1.76 -19.55 -5.61
CA ASN A 307 -0.86 -18.95 -4.66
C ASN A 307 0.48 -18.70 -5.33
N HIS A 308 0.94 -17.46 -5.23
CA HIS A 308 2.25 -17.08 -5.72
C HIS A 308 2.66 -15.80 -5.01
N TYR A 309 3.86 -15.31 -5.28
CA TYR A 309 4.25 -14.05 -4.66
C TYR A 309 4.98 -13.11 -5.61
N LEU A 310 4.98 -11.83 -5.28
CA LEU A 310 5.75 -10.84 -6.01
C LEU A 310 6.98 -10.56 -5.19
N SER A 311 8.14 -10.49 -5.83
CA SER A 311 9.37 -10.10 -5.14
C SER A 311 9.76 -8.67 -5.53
N THR A 312 9.93 -7.78 -4.55
CA THR A 312 10.09 -6.35 -4.79
C THR A 312 11.44 -5.77 -4.39
N GLN A 313 11.85 -4.71 -5.09
CA GLN A 313 13.00 -3.89 -4.73
C GLN A 313 12.73 -2.42 -5.07
N SER A 314 13.08 -1.52 -4.16
CA SER A 314 12.86 -0.08 -4.35
C SER A 314 14.04 0.80 -3.96
N ALA A 315 14.37 1.79 -4.79
CA ALA A 315 15.29 2.85 -4.41
C ALA A 315 14.51 4.16 -4.32
N LEU A 316 14.60 4.83 -3.17
CA LEU A 316 14.03 6.17 -2.97
C LEU A 316 15.16 7.19 -3.12
N SER A 317 14.86 8.38 -3.64
CA SER A 317 15.90 9.41 -3.85
C SER A 317 15.27 10.81 -3.95
N LYS A 318 16.11 11.83 -4.10
CA LYS A 318 15.63 13.22 -4.24
C LYS A 318 16.12 13.83 -5.56
N ASP A 319 15.36 14.80 -6.06
CA ASP A 319 15.73 15.62 -7.22
C ASP A 319 16.43 16.87 -6.71
N PRO A 320 17.74 17.01 -6.96
CA PRO A 320 18.49 18.09 -6.32
C PRO A 320 18.00 19.50 -6.68
N ASN A 321 17.25 19.62 -7.77
CA ASN A 321 16.67 20.88 -8.20
C ASN A 321 15.24 21.15 -7.72
N GLU A 322 14.61 20.14 -7.12
CA GLU A 322 13.25 20.26 -6.59
C GLU A 322 13.21 20.85 -5.18
N LYS A 323 12.44 21.93 -4.99
CA LYS A 323 12.34 22.62 -3.70
C LYS A 323 11.12 22.21 -2.88
N ARG A 324 10.10 21.66 -3.54
CA ARG A 324 8.90 21.20 -2.83
C ARG A 324 9.19 19.86 -2.13
N ASP A 325 8.36 19.51 -1.16
CA ASP A 325 8.49 18.23 -0.46
C ASP A 325 8.13 17.10 -1.42
N HIS A 326 9.03 16.14 -1.61
CA HIS A 326 8.86 15.16 -2.68
C HIS A 326 9.63 13.87 -2.46
N MET A 327 9.36 12.92 -3.36
CA MET A 327 10.07 11.63 -3.41
C MET A 327 10.20 11.16 -4.85
N VAL A 328 11.42 10.81 -5.23
CA VAL A 328 11.67 10.08 -6.48
C VAL A 328 11.72 8.56 -6.16
N LEU A 329 10.99 7.75 -6.91
CA LEU A 329 10.94 6.33 -6.66
C LEU A 329 11.35 5.54 -7.91
N LEU A 330 12.27 4.57 -7.71
CA LEU A 330 12.65 3.55 -8.69
C LEU A 330 12.29 2.18 -8.10
N GLU A 331 11.61 1.34 -8.86
CA GLU A 331 11.08 0.12 -8.33
C GLU A 331 11.02 -0.97 -9.39
N PHE A 332 11.52 -2.15 -9.03
CA PHE A 332 11.48 -3.35 -9.87
C PHE A 332 10.75 -4.45 -9.12
N VAL A 333 9.86 -5.16 -9.83
CA VAL A 333 9.06 -6.19 -9.18
C VAL A 333 8.76 -7.43 -10.05
N THR A 334 8.89 -8.63 -9.49
CA THR A 334 8.71 -9.87 -10.28
C THR A 334 7.86 -10.94 -9.61
N ALA A 335 6.84 -11.41 -10.30
CA ALA A 335 6.06 -12.57 -9.86
C ALA A 335 6.96 -13.84 -9.80
N ALA A 336 6.68 -14.68 -8.81
CA ALA A 336 7.48 -15.87 -8.55
C ALA A 336 6.64 -16.88 -7.76
N GLY A 337 7.20 -18.06 -7.52
CA GLY A 337 6.49 -19.14 -6.80
C GLY A 337 5.87 -20.26 -7.65
N ILE A 338 5.94 -20.13 -8.97
CA ILE A 338 5.43 -21.16 -9.88
C ILE A 338 6.44 -21.39 -10.99
N THR A 339 6.81 -22.65 -11.15
CA THR A 339 7.78 -23.06 -12.16
C THR A 339 7.06 -23.43 -13.46
N LEU A 340 7.73 -24.19 -14.32
CA LEU A 340 7.06 -24.78 -15.49
C LEU A 340 6.30 -26.10 -15.15
N LYS B 4 -40.33 32.80 9.31
CA LYS B 4 -39.93 32.13 8.04
C LYS B 4 -38.52 31.50 8.22
N GLY B 5 -37.67 31.55 7.18
CA GLY B 5 -36.24 31.29 7.34
C GLY B 5 -35.60 32.18 8.39
N GLU B 6 -36.06 33.41 8.53
CA GLU B 6 -35.51 34.31 9.54
C GLU B 6 -35.68 33.78 10.98
N GLU B 7 -36.72 32.97 11.22
CA GLU B 7 -36.93 32.28 12.51
C GLU B 7 -35.77 31.36 12.96
N LEU B 8 -35.10 30.71 12.02
CA LEU B 8 -33.91 29.90 12.33
C LEU B 8 -32.72 30.68 12.94
N PHE B 9 -32.77 32.01 12.91
CA PHE B 9 -31.63 32.83 13.32
C PHE B 9 -31.82 33.62 14.63
N THR B 10 -32.91 33.33 15.34
CA THR B 10 -33.33 34.14 16.50
C THR B 10 -32.45 34.01 17.74
N GLY B 11 -31.51 33.08 17.74
CA GLY B 11 -30.50 33.03 18.79
C GLY B 11 -29.11 32.79 18.25
N VAL B 12 -28.23 32.36 19.15
CA VAL B 12 -26.87 31.98 18.78
C VAL B 12 -26.94 30.66 18.04
N VAL B 13 -26.37 30.63 16.84
CA VAL B 13 -26.41 29.45 15.97
C VAL B 13 -24.99 28.97 15.72
N PRO B 14 -24.73 27.66 15.90
CA PRO B 14 -23.38 27.20 15.63
C PRO B 14 -23.09 27.20 14.13
N ILE B 15 -21.81 27.38 13.81
CA ILE B 15 -21.34 27.53 12.42
C ILE B 15 -20.18 26.56 12.19
N LEU B 16 -20.19 25.90 11.04
CA LEU B 16 -19.09 25.06 10.62
C LEU B 16 -18.63 25.52 9.24
N VAL B 17 -17.32 25.73 9.07
CA VAL B 17 -16.79 26.12 7.75
C VAL B 17 -15.71 25.15 7.22
N GLU B 18 -15.89 24.70 5.99
CA GLU B 18 -14.94 23.80 5.33
C GLU B 18 -14.51 24.39 3.98
N LEU B 19 -13.21 24.60 3.80
CA LEU B 19 -12.69 25.13 2.55
C LEU B 19 -11.62 24.23 1.95
N ASP B 20 -11.77 23.86 0.68
CA ASP B 20 -10.67 23.23 -0.06
C ASP B 20 -10.19 24.16 -1.16
N GLY B 21 -8.92 24.49 -1.11
CA GLY B 21 -8.37 25.45 -2.04
C GLY B 21 -7.22 24.91 -2.85
N ASP B 22 -7.01 25.51 -4.02
CA ASP B 22 -5.85 25.25 -4.83
C ASP B 22 -5.44 26.58 -5.46
N VAL B 23 -4.28 27.10 -5.07
CA VAL B 23 -3.82 28.38 -5.63
C VAL B 23 -2.44 28.18 -6.26
N ASN B 24 -2.37 28.32 -7.58
CA ASN B 24 -1.15 28.07 -8.35
C ASN B 24 -0.61 26.68 -8.11
N GLY B 25 -1.52 25.71 -7.95
CA GLY B 25 -1.11 24.34 -7.67
C GLY B 25 -0.73 24.08 -6.22
N HIS B 26 -0.73 25.12 -5.40
CA HIS B 26 -0.51 25.00 -3.96
C HIS B 26 -1.84 24.72 -3.27
N LYS B 27 -2.04 23.46 -2.88
CA LYS B 27 -3.32 23.06 -2.32
C LYS B 27 -3.35 23.29 -0.82
N PHE B 28 -4.54 23.52 -0.30
CA PHE B 28 -4.73 23.66 1.13
C PHE B 28 -6.16 23.39 1.53
N SER B 29 -6.37 23.17 2.83
CA SER B 29 -7.72 23.01 3.36
C SER B 29 -7.85 23.78 4.65
N VAL B 30 -8.99 24.44 4.81
CA VAL B 30 -9.25 25.15 6.02
C VAL B 30 -10.56 24.71 6.63
N SER B 31 -10.56 24.69 7.95
CA SER B 31 -11.72 24.30 8.67
C SER B 31 -11.97 25.32 9.79
N GLY B 32 -13.23 25.68 9.99
CA GLY B 32 -13.54 26.65 11.03
C GLY B 32 -14.78 26.34 11.84
N GLU B 33 -14.78 26.83 13.08
CA GLU B 33 -15.83 26.59 14.05
C GLU B 33 -16.13 27.84 14.85
N GLY B 34 -17.40 28.05 15.14
CA GLY B 34 -17.79 29.09 16.04
C GLY B 34 -19.27 29.31 15.97
N GLU B 35 -19.72 30.54 16.26
CA GLU B 35 -21.14 30.87 16.22
C GLU B 35 -21.49 32.25 15.62
N GLY B 36 -22.78 32.41 15.31
CA GLY B 36 -23.31 33.61 14.67
C GLY B 36 -24.56 34.06 15.41
N ASP B 37 -24.69 35.37 15.61
CA ASP B 37 -25.85 35.95 16.28
C ASP B 37 -26.40 37.15 15.46
N ALA B 38 -27.28 36.87 14.51
CA ALA B 38 -27.81 37.90 13.64
C ALA B 38 -28.56 38.93 14.48
N THR B 39 -29.46 38.41 15.28
CA THR B 39 -30.36 39.19 16.13
C THR B 39 -31.35 40.01 15.33
N PHE B 40 -32.44 40.33 16.01
CA PHE B 40 -33.68 40.73 15.39
C PHE B 40 -34.46 41.67 16.28
N GLY B 41 -35.00 42.74 15.71
CA GLY B 41 -35.94 43.55 16.47
C GLY B 41 -36.02 44.97 15.99
N GLY B 42 -36.56 45.82 16.88
CA GLY B 42 -36.68 47.24 16.64
C GLY B 42 -35.55 47.98 17.33
N SER B 43 -34.90 48.87 16.58
CA SER B 43 -33.83 49.74 17.08
C SER B 43 -33.47 50.71 15.98
N ALA B 44 -34.27 51.77 15.85
CA ALA B 44 -33.93 52.87 14.97
C ALA B 44 -33.26 53.92 15.83
N ASP B 45 -33.83 54.16 17.01
CA ASP B 45 -33.32 55.13 17.95
C ASP B 45 -31.94 54.69 18.44
N LEU B 46 -31.85 53.44 18.90
CA LEU B 46 -30.58 52.87 19.35
C LEU B 46 -29.52 52.86 18.25
N GLU B 47 -29.91 52.57 17.02
CA GLU B 47 -28.94 52.57 15.91
C GLU B 47 -28.39 53.94 15.63
N ASP B 48 -29.27 54.95 15.63
CA ASP B 48 -28.87 56.33 15.53
C ASP B 48 -27.98 56.72 16.70
N ASN B 49 -28.32 56.26 17.90
CA ASN B 49 -27.51 56.53 19.10
C ASN B 49 -26.05 56.15 18.86
N MET B 50 -25.86 54.93 18.38
CA MET B 50 -24.53 54.39 18.13
C MET B 50 -23.84 55.08 16.96
N GLU B 51 -24.60 55.49 15.96
CA GLU B 51 -24.06 56.34 14.89
C GLU B 51 -23.51 57.67 15.46
N THR B 52 -24.26 58.28 16.37
CA THR B 52 -23.82 59.49 17.09
C THR B 52 -22.54 59.23 17.88
N LEU B 53 -22.48 58.09 18.56
CA LEU B 53 -21.27 57.72 19.31
C LEU B 53 -20.10 57.56 18.35
N ASN B 54 -20.25 56.60 17.43
CA ASN B 54 -19.20 56.29 16.46
C ASN B 54 -18.68 57.55 15.76
N ASP B 55 -19.57 58.31 15.12
CA ASP B 55 -19.20 59.55 14.39
C ASP B 55 -18.34 60.50 15.21
N ASN B 56 -18.86 60.93 16.35
CA ASN B 56 -18.18 61.89 17.25
C ASN B 56 -16.83 61.42 17.85
N LEU B 57 -16.69 60.10 17.99
CA LEU B 57 -15.44 59.47 18.41
C LEU B 57 -14.34 59.64 17.34
N LYS B 58 -14.73 59.52 16.06
CA LYS B 58 -13.84 59.84 14.93
C LYS B 58 -13.51 61.34 14.88
N VAL B 59 -14.51 62.19 15.08
CA VAL B 59 -14.26 63.63 15.21
C VAL B 59 -13.16 63.94 16.25
N ILE B 60 -13.12 63.20 17.36
CA ILE B 60 -12.10 63.45 18.40
C ILE B 60 -10.69 63.11 17.88
N GLU B 61 -10.54 61.92 17.30
CA GLU B 61 -9.25 61.41 16.85
C GLU B 61 -8.53 62.34 15.88
N LYS B 62 -9.30 63.10 15.11
CA LYS B 62 -8.75 64.01 14.07
C LYS B 62 -8.62 65.45 14.56
N ALA B 63 -9.31 65.78 15.66
CA ALA B 63 -9.40 67.14 16.19
C ALA B 63 -8.04 67.84 16.37
N ASP B 64 -8.10 69.16 16.39
CA ASP B 64 -6.92 70.01 16.55
C ASP B 64 -6.88 70.72 17.92
N ASN B 65 -8.06 70.99 18.48
CA ASN B 65 -8.16 71.83 19.67
C ASN B 65 -9.15 71.28 20.71
N ALA B 66 -9.20 71.90 21.89
CA ALA B 66 -10.06 71.43 22.97
C ALA B 66 -11.53 71.62 22.65
N ALA B 67 -11.88 72.80 22.12
CA ALA B 67 -13.27 73.10 21.74
C ALA B 67 -13.89 71.96 20.93
N GLN B 68 -13.18 71.55 19.87
CA GLN B 68 -13.65 70.49 18.99
C GLN B 68 -13.84 69.18 19.74
N VAL B 69 -12.97 68.89 20.72
CA VAL B 69 -13.02 67.63 21.49
C VAL B 69 -14.12 67.62 22.53
N LYS B 70 -14.28 68.71 23.24
CA LYS B 70 -15.41 68.90 24.15
C LYS B 70 -16.78 68.70 23.48
N ASP B 71 -16.94 69.32 22.31
CA ASP B 71 -18.22 69.38 21.60
C ASP B 71 -18.63 67.97 21.12
N ALA B 72 -17.64 67.19 20.72
CA ALA B 72 -17.83 65.77 20.38
C ALA B 72 -18.18 64.94 21.62
N LEU B 73 -17.42 65.11 22.71
CA LEU B 73 -17.69 64.40 23.94
C LEU B 73 -19.08 64.68 24.47
N THR B 74 -19.47 65.95 24.49
CA THR B 74 -20.79 66.36 25.01
C THR B 74 -21.93 65.72 24.23
N LYS B 75 -21.75 65.59 22.92
CA LYS B 75 -22.71 64.87 22.07
C LYS B 75 -22.76 63.38 22.40
N MET B 76 -21.59 62.79 22.68
CA MET B 76 -21.46 61.34 22.96
C MET B 76 -22.09 60.96 24.32
N ARG B 77 -21.94 61.86 25.28
CA ARG B 77 -22.54 61.69 26.60
C ARG B 77 -24.08 61.64 26.50
N ALA B 78 -24.65 62.53 25.67
CA ALA B 78 -26.10 62.53 25.37
C ALA B 78 -26.57 61.22 24.66
N ALA B 79 -25.87 60.82 23.61
CA ALA B 79 -26.19 59.57 22.89
C ALA B 79 -26.03 58.34 23.79
N ALA B 80 -25.04 58.37 24.69
CA ALA B 80 -24.84 57.30 25.70
C ALA B 80 -26.03 57.21 26.67
N LEU B 81 -26.44 58.33 27.23
CA LEU B 81 -27.59 58.37 28.15
C LEU B 81 -28.93 58.08 27.48
N ASP B 82 -28.99 58.24 26.16
CA ASP B 82 -30.21 57.97 25.39
C ASP B 82 -30.26 56.49 25.02
N ALA B 83 -29.11 55.95 24.61
CA ALA B 83 -28.93 54.51 24.37
C ALA B 83 -29.28 53.65 25.61
N GLN B 84 -28.93 54.16 26.79
CA GLN B 84 -29.19 53.48 28.04
C GLN B 84 -30.66 53.19 28.34
N LYS B 85 -31.58 53.87 27.67
CA LYS B 85 -33.04 53.67 27.91
C LYS B 85 -33.70 52.69 26.90
N ALA B 86 -32.90 52.11 26.01
CA ALA B 86 -33.38 51.19 24.97
C ALA B 86 -33.23 49.70 25.33
N THR B 87 -34.07 48.87 24.71
CA THR B 87 -33.89 47.43 24.71
C THR B 87 -33.19 47.07 23.40
N PRO B 88 -31.97 46.48 23.48
CA PRO B 88 -31.34 46.07 22.26
C PRO B 88 -32.03 44.83 21.71
N PRO B 89 -32.06 44.71 20.37
CA PRO B 89 -32.81 43.66 19.68
C PRO B 89 -32.53 42.32 20.32
N LYS B 90 -31.35 42.21 20.90
CA LYS B 90 -30.92 40.99 21.55
C LYS B 90 -31.65 40.69 22.87
N LEU B 91 -31.76 41.69 23.74
CA LEU B 91 -32.43 41.54 25.04
C LEU B 91 -33.95 41.77 24.96
N GLU B 92 -34.55 41.49 23.79
CA GLU B 92 -35.98 41.73 23.55
C GLU B 92 -36.91 40.83 24.35
N ASP B 93 -36.56 39.55 24.43
CA ASP B 93 -37.32 38.59 25.23
C ASP B 93 -37.10 38.75 26.75
N LYS B 94 -36.20 39.65 27.14
CA LYS B 94 -35.80 39.76 28.53
C LYS B 94 -36.64 40.81 29.23
N SER B 95 -36.98 40.57 30.50
CA SER B 95 -37.68 41.59 31.27
C SER B 95 -36.77 42.83 31.41
N PRO B 96 -37.36 44.01 31.59
CA PRO B 96 -36.58 45.24 31.72
C PRO B 96 -35.72 45.31 32.99
N ASP B 97 -36.01 44.46 33.98
CA ASP B 97 -35.29 44.43 35.26
C ASP B 97 -34.47 43.14 35.40
N SER B 98 -34.20 42.49 34.26
CA SER B 98 -33.33 41.31 34.22
C SER B 98 -31.83 41.67 34.29
N PRO B 99 -30.99 40.77 34.85
CA PRO B 99 -29.56 41.06 35.10
C PRO B 99 -28.72 41.38 33.86
N GLU B 100 -29.24 41.08 32.67
CA GLU B 100 -28.57 41.43 31.41
C GLU B 100 -28.88 42.89 31.08
N MET B 101 -30.17 43.22 31.09
CA MET B 101 -30.60 44.58 30.82
C MET B 101 -29.86 45.50 31.75
N LYS B 102 -29.64 45.07 32.98
CA LYS B 102 -28.89 45.82 33.97
C LYS B 102 -27.40 45.90 33.66
N ASP B 103 -26.83 44.84 33.12
CA ASP B 103 -25.45 44.91 32.65
C ASP B 103 -25.33 45.81 31.42
N PHE B 104 -26.42 45.84 30.63
CA PHE B 104 -26.49 46.61 29.38
C PHE B 104 -26.43 48.06 29.75
N ARG B 105 -27.26 48.44 30.72
CA ARG B 105 -27.30 49.82 31.23
C ARG B 105 -26.01 50.17 31.99
N HIS B 106 -25.44 49.20 32.68
CA HIS B 106 -24.21 49.41 33.42
C HIS B 106 -23.02 49.65 32.51
N GLY B 107 -23.12 49.15 31.29
CA GLY B 107 -22.14 49.50 30.26
C GLY B 107 -22.14 51.00 29.97
N PHE B 108 -23.35 51.59 29.86
CA PHE B 108 -23.49 53.05 29.64
C PHE B 108 -23.10 53.87 30.83
N ASP B 109 -23.17 53.32 32.04
CA ASP B 109 -22.63 54.02 33.19
C ASP B 109 -21.11 54.09 33.14
N ILE B 110 -20.47 52.97 32.77
CA ILE B 110 -19.01 52.96 32.60
C ILE B 110 -18.61 53.93 31.49
N LEU B 111 -19.36 53.91 30.39
CA LEU B 111 -19.09 54.75 29.21
C LEU B 111 -19.25 56.25 29.52
N VAL B 112 -20.37 56.61 30.17
CA VAL B 112 -20.62 57.99 30.56
C VAL B 112 -19.62 58.47 31.62
N GLY B 113 -19.04 57.54 32.37
CA GLY B 113 -18.02 57.87 33.37
C GLY B 113 -16.69 58.09 32.69
N GLN B 114 -16.43 57.33 31.64
CA GLN B 114 -15.21 57.51 30.88
C GLN B 114 -15.20 58.82 30.06
N ILE B 115 -16.35 59.13 29.44
CA ILE B 115 -16.57 60.37 28.70
C ILE B 115 -16.34 61.56 29.62
N ASP B 116 -16.64 61.42 30.91
CA ASP B 116 -16.43 62.49 31.88
C ASP B 116 -14.97 62.74 32.19
N ASP B 117 -14.18 61.69 32.21
CA ASP B 117 -12.74 61.80 32.42
C ASP B 117 -12.05 62.49 31.21
N ALA B 118 -12.51 62.16 30.00
CA ALA B 118 -12.12 62.92 28.80
C ALA B 118 -12.58 64.39 28.86
N LEU B 119 -13.74 64.65 29.44
CA LEU B 119 -14.30 66.00 29.47
C LEU B 119 -13.63 66.93 30.51
N LYS B 120 -13.16 66.36 31.62
CA LYS B 120 -12.38 67.10 32.61
C LYS B 120 -11.11 67.64 31.92
N LEU B 121 -10.45 66.74 31.19
CA LEU B 121 -9.19 67.01 30.48
C LEU B 121 -9.32 68.00 29.31
N ALA B 122 -10.35 67.82 28.49
CA ALA B 122 -10.63 68.71 27.35
C ALA B 122 -11.00 70.12 27.79
N ASN B 123 -11.67 70.22 28.93
CA ASN B 123 -11.91 71.51 29.57
C ASN B 123 -10.59 72.17 30.02
N GLU B 124 -9.63 71.38 30.51
CA GLU B 124 -8.33 71.91 30.96
C GLU B 124 -7.36 72.29 29.82
N GLY B 125 -7.81 72.05 28.57
CA GLY B 125 -7.01 72.35 27.38
C GLY B 125 -6.08 71.21 26.96
N LYS B 126 -6.03 70.16 27.77
CA LYS B 126 -5.14 69.01 27.52
C LYS B 126 -5.72 68.15 26.41
N VAL B 127 -5.56 68.62 25.17
CA VAL B 127 -6.18 68.03 23.98
C VAL B 127 -5.66 66.61 23.74
N LYS B 128 -4.36 66.43 23.95
CA LYS B 128 -3.68 65.13 23.82
C LYS B 128 -4.17 64.14 24.89
N GLU B 129 -4.24 64.63 26.13
CA GLU B 129 -4.68 63.84 27.29
C GLU B 129 -6.16 63.42 27.19
N ALA B 130 -6.99 64.33 26.66
CA ALA B 130 -8.42 64.07 26.46
C ALA B 130 -8.67 62.94 25.44
N GLN B 131 -7.86 62.94 24.39
CA GLN B 131 -7.93 61.95 23.32
C GLN B 131 -7.46 60.56 23.72
N ALA B 132 -6.41 60.49 24.54
CA ALA B 132 -5.95 59.22 25.11
C ALA B 132 -7.08 58.57 25.95
N ALA B 133 -7.85 59.40 26.66
CA ALA B 133 -8.96 58.96 27.49
C ALA B 133 -10.19 58.56 26.68
N ALA B 134 -10.38 59.19 25.52
CA ALA B 134 -11.45 58.82 24.58
C ALA B 134 -11.18 57.50 23.84
N GLU B 135 -9.90 57.11 23.76
CA GLU B 135 -9.53 55.85 23.11
C GLU B 135 -9.94 54.66 23.97
N GLN B 136 -10.03 54.90 25.26
CA GLN B 136 -10.36 53.83 26.20
C GLN B 136 -11.86 53.56 26.23
N LEU B 137 -12.64 54.44 25.58
CA LEU B 137 -14.05 54.14 25.31
C LEU B 137 -14.21 52.84 24.49
N LYS B 138 -13.31 52.61 23.53
CA LYS B 138 -13.33 51.44 22.65
C LYS B 138 -13.30 50.09 23.41
N THR B 139 -12.53 50.02 24.49
CA THR B 139 -12.51 48.82 25.36
C THR B 139 -13.91 48.35 25.84
N THR B 140 -14.70 49.36 26.20
CA THR B 140 -16.07 49.25 26.70
C THR B 140 -17.02 48.97 25.55
N ARG B 141 -16.82 49.69 24.46
CA ARG B 141 -17.45 49.36 23.20
C ARG B 141 -17.18 47.88 22.83
N ASN B 142 -15.91 47.44 22.87
CA ASN B 142 -15.56 46.08 22.46
C ASN B 142 -16.21 45.03 23.34
N ALA B 143 -16.03 45.17 24.66
CA ALA B 143 -16.56 44.21 25.65
C ALA B 143 -18.07 44.08 25.58
N TYR B 144 -18.75 45.20 25.56
CA TYR B 144 -20.21 45.22 25.50
C TYR B 144 -20.71 44.82 24.14
N HIS B 145 -19.97 45.12 23.08
CA HIS B 145 -20.39 44.69 21.76
C HIS B 145 -20.34 43.16 21.66
N GLN B 146 -19.26 42.58 22.16
CA GLN B 146 -19.07 41.13 22.26
C GLN B 146 -20.25 40.41 22.97
N LYS B 147 -20.75 41.01 24.05
CA LYS B 147 -21.87 40.44 24.79
C LYS B 147 -23.19 40.72 24.10
N TYR B 148 -23.38 41.95 23.62
CA TYR B 148 -24.74 42.43 23.30
C TYR B 148 -25.02 42.92 21.89
N ARG B 149 -24.01 42.99 21.03
CA ARG B 149 -24.25 43.53 19.69
C ARG B 149 -24.45 42.43 18.67
N GLY B 150 -25.47 42.60 17.83
CA GLY B 150 -25.88 41.63 16.81
C GLY B 150 -25.16 41.80 15.51
N GLY B 151 -25.63 41.10 14.49
CA GLY B 151 -24.93 41.02 13.21
C GLY B 151 -23.52 40.46 13.41
N LYS B 152 -23.38 39.54 14.36
CA LYS B 152 -22.08 39.17 14.89
C LYS B 152 -21.68 37.74 14.60
N LEU B 153 -20.40 37.52 14.33
CA LEU B 153 -19.92 36.16 14.24
C LEU B 153 -18.51 35.99 14.69
N THR B 154 -18.27 34.85 15.34
CA THR B 154 -17.01 34.55 16.04
C THR B 154 -16.53 33.16 15.67
N LEU B 155 -15.35 33.07 15.08
CA LEU B 155 -14.92 31.81 14.53
C LEU B 155 -13.43 31.67 14.70
N LYS B 156 -12.99 30.43 14.74
CA LYS B 156 -11.56 30.11 14.73
C LYS B 156 -11.38 29.20 13.55
N PHE B 157 -10.33 29.50 12.77
CA PHE B 157 -10.03 28.76 11.56
C PHE B 157 -8.67 28.12 11.72
N ILE B 158 -8.52 26.92 11.17
CA ILE B 158 -7.28 26.17 11.26
C ILE B 158 -6.91 25.68 9.86
N CYS B 159 -5.65 25.76 9.49
CA CYS B 159 -5.22 25.20 8.23
C CYS B 159 -4.92 23.76 8.51
N THR B 160 -5.74 22.87 7.96
CA THR B 160 -5.69 21.48 8.34
C THR B 160 -4.72 20.74 7.43
N THR B 161 -4.04 21.47 6.57
CA THR B 161 -3.02 20.89 5.70
C THR B 161 -1.60 21.38 6.01
N GLY B 162 -1.41 22.01 7.17
CA GLY B 162 -0.10 22.54 7.59
C GLY B 162 0.00 24.06 7.44
N LYS B 163 0.95 24.53 6.62
CA LYS B 163 1.12 25.97 6.39
C LYS B 163 0.20 26.45 5.28
N LEU B 164 -0.65 27.42 5.58
CA LEU B 164 -1.46 28.09 4.57
C LEU B 164 -0.48 28.77 3.60
N PRO B 165 -0.63 28.52 2.27
CA PRO B 165 0.28 29.07 1.28
C PRO B 165 -0.11 30.48 0.80
N VAL B 166 -1.25 30.98 1.27
CA VAL B 166 -1.68 32.37 1.04
C VAL B 166 -1.91 33.01 2.39
N PRO B 167 -1.95 34.34 2.47
CA PRO B 167 -2.21 34.99 3.75
C PRO B 167 -3.67 34.87 4.14
N TRP B 168 -3.92 34.70 5.43
CA TRP B 168 -5.26 34.54 5.94
C TRP B 168 -6.24 35.65 5.53
N PRO B 169 -5.81 36.91 5.56
CA PRO B 169 -6.75 37.97 5.16
C PRO B 169 -7.38 37.81 3.78
N THR B 170 -6.70 37.16 2.83
CA THR B 170 -7.28 36.99 1.51
C THR B 170 -8.44 35.98 1.51
N LEU B 171 -8.61 35.22 2.59
CA LEU B 171 -9.61 34.18 2.66
C LEU B 171 -10.82 34.62 3.47
N VAL B 172 -10.69 35.72 4.17
CA VAL B 172 -11.79 36.20 4.99
C VAL B 172 -13.10 36.22 4.23
N THR B 173 -13.13 36.85 3.05
CA THR B 173 -14.44 36.99 2.36
C THR B 173 -15.02 35.64 1.99
N THR B 174 -14.16 34.73 1.58
CA THR B 174 -14.59 33.41 1.15
C THR B 174 -15.15 32.65 2.37
N LEU B 175 -14.43 32.77 3.49
CA LEU B 175 -14.81 32.04 4.69
C LEU B 175 -16.04 32.62 5.35
N1 CRO B 176 -16.10 33.94 5.52
CA1 CRO B 176 -17.31 34.56 6.13
CB1 CRO B 176 -16.87 35.19 7.43
CG1 CRO B 176 -16.30 34.11 8.36
OG1 CRO B 176 -15.84 36.13 7.15
C1 CRO B 176 -17.83 35.50 5.06
N2 CRO B 176 -17.50 36.78 4.98
N3 CRO B 176 -18.57 35.15 4.01
C2 CRO B 176 -18.73 36.22 3.24
O2 CRO B 176 -19.40 36.20 2.21
CA2 CRO B 176 -18.06 37.31 3.86
CA3 CRO B 176 -19.09 33.85 3.62
C3 CRO B 176 -20.45 33.43 4.11
O3 CRO B 176 -21.09 32.54 3.54
CB2 CRO B 176 -18.05 38.61 3.28
CG2 CRO B 176 -17.41 39.79 3.76
CD1 CRO B 176 -16.66 39.83 4.92
CD2 CRO B 176 -17.53 40.97 3.02
CE1 CRO B 176 -16.06 41.00 5.34
CE2 CRO B 176 -16.93 42.15 3.44
CZ CRO B 176 -16.18 42.18 4.61
OH CRO B 176 -15.58 43.32 5.07
N VAL B 177 -20.89 34.04 5.20
CA VAL B 177 -22.14 33.57 5.82
C VAL B 177 -22.96 34.79 6.12
N GLN B 178 -23.32 35.48 5.04
CA GLN B 178 -23.95 36.78 5.11
C GLN B 178 -25.36 36.68 5.61
N CYS B 179 -25.82 35.45 5.84
CA CYS B 179 -27.11 35.22 6.48
C CYS B 179 -27.08 35.72 7.91
N PHE B 180 -25.90 36.01 8.45
CA PHE B 180 -25.82 36.48 9.84
C PHE B 180 -25.78 37.99 9.99
N SER B 181 -25.96 38.72 8.89
CA SER B 181 -25.97 40.18 8.94
C SER B 181 -27.17 40.61 9.75
N ARG B 182 -27.03 41.70 10.50
CA ARG B 182 -28.16 42.33 11.14
C ARG B 182 -28.92 43.11 10.08
N TYR B 183 -30.15 42.70 9.81
CA TYR B 183 -31.05 43.46 8.96
C TYR B 183 -31.96 44.24 9.90
N PRO B 184 -31.93 45.58 9.83
CA PRO B 184 -32.85 46.27 10.68
C PRO B 184 -34.26 45.91 10.32
N ASP B 185 -35.15 46.13 11.26
CA ASP B 185 -36.56 45.78 11.15
C ASP B 185 -37.25 46.32 9.89
N HIS B 186 -36.98 47.58 9.56
CA HIS B 186 -37.67 48.25 8.47
C HIS B 186 -37.26 47.75 7.09
N MET B 187 -36.24 46.90 7.03
CA MET B 187 -35.79 46.37 5.76
C MET B 187 -35.58 44.85 5.82
N LYS B 188 -36.23 44.21 6.78
CA LYS B 188 -36.12 42.77 6.95
C LYS B 188 -36.81 42.01 5.81
N GLN B 189 -37.59 42.72 4.99
CA GLN B 189 -38.19 42.12 3.81
C GLN B 189 -37.21 42.04 2.63
N HIS B 190 -35.95 42.47 2.84
CA HIS B 190 -34.92 42.42 1.80
C HIS B 190 -33.75 41.49 2.18
N ASP B 191 -33.97 40.66 3.19
CA ASP B 191 -32.91 39.80 3.68
C ASP B 191 -32.97 38.47 2.95
N PHE B 192 -32.35 38.43 1.78
CA PHE B 192 -32.40 37.27 0.91
C PHE B 192 -31.72 36.06 1.57
N PHE B 193 -30.62 36.34 2.28
CA PHE B 193 -29.75 35.31 2.81
C PHE B 193 -30.49 34.42 3.78
N LYS B 194 -31.28 35.01 4.66
CA LYS B 194 -32.08 34.21 5.59
C LYS B 194 -33.30 33.59 4.89
N SER B 195 -33.87 34.30 3.94
CA SER B 195 -35.06 33.78 3.25
C SER B 195 -34.79 32.38 2.64
N ALA B 196 -33.60 32.20 2.06
CA ALA B 196 -33.21 30.95 1.40
C ALA B 196 -32.98 29.76 2.34
N MET B 197 -32.97 29.99 3.64
CA MET B 197 -32.73 28.90 4.60
C MET B 197 -34.04 28.17 4.89
N PRO B 198 -33.98 26.92 5.40
CA PRO B 198 -32.83 26.09 5.70
C PRO B 198 -32.17 25.48 4.48
N GLU B 199 -32.90 25.29 3.39
CA GLU B 199 -32.32 24.62 2.23
C GLU B 199 -31.05 25.34 1.78
N GLY B 200 -31.02 26.66 1.87
CA GLY B 200 -29.77 27.42 1.69
C GLY B 200 -29.51 27.99 0.30
N TYR B 201 -28.29 28.50 0.07
CA TYR B 201 -27.95 29.13 -1.20
C TYR B 201 -26.56 28.75 -1.67
N VAL B 202 -26.37 28.81 -2.98
CA VAL B 202 -25.04 28.70 -3.59
C VAL B 202 -24.46 30.10 -3.73
N GLN B 203 -23.19 30.28 -3.39
CA GLN B 203 -22.59 31.62 -3.43
C GLN B 203 -21.31 31.51 -4.22
N GLU B 204 -21.27 32.12 -5.41
CA GLU B 204 -20.07 32.02 -6.23
C GLU B 204 -19.46 33.40 -6.35
N ARG B 205 -18.14 33.46 -6.46
CA ARG B 205 -17.41 34.73 -6.63
C ARG B 205 -16.24 34.61 -7.57
N THR B 206 -15.88 35.71 -8.22
CA THR B 206 -14.51 35.88 -8.71
C THR B 206 -13.91 37.06 -7.97
N ILE B 207 -12.67 36.94 -7.55
CA ILE B 207 -12.02 37.97 -6.78
C ILE B 207 -10.76 38.32 -7.56
N PHE B 208 -10.68 39.58 -8.01
CA PHE B 208 -9.51 40.02 -8.77
C PHE B 208 -8.56 40.81 -7.88
N PHE B 209 -7.37 40.28 -7.65
CA PHE B 209 -6.35 41.03 -6.94
C PHE B 209 -5.60 41.93 -7.95
N LYS B 210 -5.58 43.24 -7.67
CA LYS B 210 -5.00 44.19 -8.61
C LYS B 210 -3.52 43.89 -8.84
N ASP B 211 -3.14 43.86 -10.12
CA ASP B 211 -1.78 43.55 -10.57
C ASP B 211 -1.33 42.14 -10.14
N ASP B 212 -2.29 41.24 -10.00
CA ASP B 212 -1.98 39.87 -9.56
C ASP B 212 -3.06 38.88 -10.02
N GLY B 213 -3.03 37.68 -9.44
CA GLY B 213 -3.95 36.60 -9.81
C GLY B 213 -5.39 36.84 -9.36
N ASN B 214 -6.25 35.87 -9.65
CA ASN B 214 -7.63 35.87 -9.18
C ASN B 214 -7.98 34.59 -8.44
N TYR B 215 -8.95 34.68 -7.55
CA TYR B 215 -9.59 33.50 -6.96
C TYR B 215 -10.93 33.36 -7.60
N LYS B 216 -11.34 32.12 -7.80
CA LYS B 216 -12.70 31.82 -8.22
C LYS B 216 -13.21 30.87 -7.13
N THR B 217 -14.42 31.08 -6.64
CA THR B 217 -14.93 30.28 -5.54
C THR B 217 -16.35 29.85 -5.77
N ARG B 218 -16.70 28.66 -5.28
CA ARG B 218 -18.08 28.18 -5.25
C ARG B 218 -18.39 27.61 -3.87
N ALA B 219 -19.54 27.96 -3.31
CA ALA B 219 -19.86 27.55 -1.97
C ALA B 219 -21.31 27.25 -1.82
N GLU B 220 -21.62 26.33 -0.90
CA GLU B 220 -22.99 26.08 -0.48
C GLU B 220 -23.09 26.46 0.98
N VAL B 221 -24.13 27.18 1.32
CA VAL B 221 -24.38 27.63 2.68
C VAL B 221 -25.78 27.17 3.01
N LYS B 222 -25.89 26.26 3.97
CA LYS B 222 -27.19 25.69 4.34
C LYS B 222 -27.15 25.14 5.74
N PHE B 223 -28.33 24.87 6.28
CA PHE B 223 -28.41 24.19 7.57
C PHE B 223 -28.22 22.67 7.40
N GLU B 224 -27.43 22.11 8.31
CA GLU B 224 -27.24 20.69 8.40
C GLU B 224 -27.61 20.35 9.82
N GLY B 225 -28.91 20.19 10.06
CA GLY B 225 -29.43 20.09 11.40
C GLY B 225 -29.43 21.47 12.02
N ASP B 226 -28.80 21.59 13.19
CA ASP B 226 -28.74 22.83 13.93
C ASP B 226 -27.60 23.76 13.49
N THR B 227 -26.63 23.24 12.75
CA THR B 227 -25.45 24.02 12.34
C THR B 227 -25.57 24.68 10.96
N LEU B 228 -25.37 26.00 10.87
CA LEU B 228 -25.17 26.69 9.58
C LEU B 228 -23.79 26.34 9.04
N VAL B 229 -23.72 25.73 7.86
CA VAL B 229 -22.47 25.21 7.31
C VAL B 229 -22.14 25.83 5.98
N ASN B 230 -20.89 26.23 5.82
CA ASN B 230 -20.39 26.84 4.60
C ASN B 230 -19.26 25.98 4.02
N ARG B 231 -19.49 25.39 2.85
CA ARG B 231 -18.53 24.53 2.19
C ARG B 231 -18.08 25.16 0.90
N ILE B 232 -16.77 25.32 0.73
CA ILE B 232 -16.25 26.11 -0.34
C ILE B 232 -15.18 25.37 -1.11
N GLU B 233 -15.20 25.50 -2.43
CA GLU B 233 -14.05 25.14 -3.23
C GLU B 233 -13.47 26.42 -3.79
N LEU B 234 -12.14 26.54 -3.72
CA LEU B 234 -11.44 27.75 -4.16
C LEU B 234 -10.32 27.41 -5.15
N LYS B 235 -10.34 28.05 -6.30
CA LYS B 235 -9.29 27.89 -7.31
C LYS B 235 -8.66 29.25 -7.59
N GLY B 236 -7.34 29.32 -7.47
CA GLY B 236 -6.60 30.55 -7.76
C GLY B 236 -5.58 30.32 -8.85
N ILE B 237 -5.57 31.18 -9.87
CA ILE B 237 -4.58 31.11 -10.93
C ILE B 237 -3.92 32.45 -11.17
N ASP B 238 -2.82 32.43 -11.93
CA ASP B 238 -2.10 33.64 -12.34
C ASP B 238 -1.52 34.43 -11.19
N PHE B 239 -1.02 33.78 -10.15
CA PHE B 239 -0.40 34.57 -9.10
C PHE B 239 1.09 34.78 -9.38
N LYS B 240 1.58 35.94 -9.01
CA LYS B 240 3.00 36.17 -9.01
C LYS B 240 3.53 35.55 -7.71
N GLU B 241 4.42 34.56 -7.85
CA GLU B 241 5.10 33.91 -6.71
C GLU B 241 5.87 34.88 -5.78
N ASP B 242 6.21 36.05 -6.31
CA ASP B 242 6.81 37.16 -5.56
C ASP B 242 5.79 38.22 -5.07
N GLY B 243 4.65 38.33 -5.77
CA GLY B 243 3.60 39.28 -5.42
C GLY B 243 3.15 39.25 -3.97
N ASN B 244 2.30 40.19 -3.61
CA ASN B 244 1.87 40.39 -2.22
C ASN B 244 1.17 39.19 -1.56
N ILE B 245 0.54 38.33 -2.36
CA ILE B 245 -0.20 37.16 -1.87
C ILE B 245 0.72 35.96 -1.60
N LEU B 246 1.40 35.44 -2.63
CA LEU B 246 2.24 34.25 -2.42
C LEU B 246 3.55 34.59 -1.69
N GLY B 247 3.94 35.85 -1.70
CA GLY B 247 5.06 36.32 -0.89
C GLY B 247 4.68 36.65 0.54
N HIS B 248 3.39 36.58 0.88
CA HIS B 248 2.91 36.91 2.23
C HIS B 248 3.28 38.34 2.67
N LYS B 249 3.04 39.32 1.79
CA LYS B 249 3.31 40.71 2.12
C LYS B 249 2.10 41.43 2.77
N LEU B 250 1.02 40.69 3.02
CA LEU B 250 -0.19 41.29 3.62
C LEU B 250 -0.14 41.37 5.16
N GLU B 251 -0.44 42.54 5.70
CA GLU B 251 -0.62 42.70 7.14
C GLU B 251 -1.74 41.78 7.67
N TYR B 252 -1.56 41.27 8.87
CA TYR B 252 -2.58 40.52 9.58
C TYR B 252 -3.58 41.50 10.18
N ASN B 253 -4.44 42.06 9.33
CA ASN B 253 -5.51 42.93 9.79
C ASN B 253 -6.59 43.08 8.71
N TYR B 254 -7.63 43.85 8.99
CA TYR B 254 -8.74 43.92 8.07
C TYR B 254 -9.56 45.20 8.25
N ASN B 255 -9.96 45.77 7.12
CA ASN B 255 -10.67 47.02 7.07
C ASN B 255 -12.19 46.84 7.05
N SER B 256 -12.92 47.95 7.08
CA SER B 256 -14.37 47.94 7.07
C SER B 256 -14.86 48.34 5.70
N HIS B 257 -15.85 47.66 5.15
CA HIS B 257 -16.25 47.87 3.77
C HIS B 257 -17.75 47.92 3.64
N ASN B 258 -18.20 48.43 2.50
CA ASN B 258 -19.57 48.30 2.04
C ASN B 258 -19.64 47.20 1.00
N VAL B 259 -20.63 46.33 1.19
CA VAL B 259 -20.99 45.28 0.25
C VAL B 259 -22.30 45.66 -0.45
N TYR B 260 -22.30 45.85 -1.77
CA TYR B 260 -23.51 46.34 -2.49
C TYR B 260 -24.35 45.21 -3.09
N ILE B 261 -25.64 45.16 -2.75
CA ILE B 261 -26.50 44.05 -3.16
C ILE B 261 -27.63 44.49 -4.08
N MET B 262 -27.79 43.78 -5.20
CA MET B 262 -28.92 43.94 -6.15
C MET B 262 -29.72 42.64 -6.30
N ALA B 263 -31.02 42.76 -6.56
CA ALA B 263 -31.80 41.62 -7.04
C ALA B 263 -31.37 41.24 -8.45
N ASP B 264 -31.37 39.94 -8.72
CA ASP B 264 -31.19 39.41 -10.06
C ASP B 264 -32.36 38.46 -10.34
N LYS B 265 -33.45 39.05 -10.83
CA LYS B 265 -34.74 38.35 -11.01
C LYS B 265 -34.64 37.20 -12.01
N GLN B 266 -33.91 37.44 -13.10
CA GLN B 266 -33.60 36.41 -14.08
C GLN B 266 -33.14 35.09 -13.41
N LYS B 267 -32.33 35.17 -12.37
CA LYS B 267 -31.77 33.96 -11.78
C LYS B 267 -32.37 33.61 -10.42
N ASN B 268 -33.49 34.25 -10.08
CA ASN B 268 -34.05 34.17 -8.72
C ASN B 268 -32.94 34.29 -7.67
N GLY B 269 -32.07 35.29 -7.84
CA GLY B 269 -30.96 35.50 -6.90
C GLY B 269 -30.53 36.95 -6.71
N ILE B 270 -29.33 37.15 -6.15
CA ILE B 270 -28.77 38.48 -5.96
C ILE B 270 -27.38 38.61 -6.62
N LYS B 271 -27.05 39.81 -7.13
CA LYS B 271 -25.67 40.13 -7.53
C LYS B 271 -25.11 41.07 -6.50
N VAL B 272 -23.86 40.85 -6.16
CA VAL B 272 -23.22 41.57 -5.09
C VAL B 272 -21.86 41.96 -5.61
N ASN B 273 -21.41 43.18 -5.30
CA ASN B 273 -20.08 43.63 -5.70
C ASN B 273 -19.55 44.56 -4.61
N PHE B 274 -18.23 44.50 -4.38
CA PHE B 274 -17.55 45.36 -3.42
C PHE B 274 -16.08 45.19 -3.65
N LYS B 275 -15.28 46.03 -3.00
CA LYS B 275 -13.83 46.01 -3.18
C LYS B 275 -13.21 45.92 -1.80
N ILE B 276 -12.27 45.01 -1.63
CA ILE B 276 -11.66 44.83 -0.34
C ILE B 276 -10.29 45.47 -0.40
N ARG B 277 -9.89 46.05 0.74
CA ARG B 277 -8.64 46.76 0.89
C ARG B 277 -7.73 46.02 1.86
N HIS B 278 -6.62 45.54 1.35
CA HIS B 278 -5.68 44.77 2.15
C HIS B 278 -4.45 45.62 2.40
N ASN B 279 -4.22 45.96 3.66
CA ASN B 279 -3.06 46.73 4.03
C ASN B 279 -1.83 45.88 3.75
N ILE B 280 -0.80 46.50 3.17
CA ILE B 280 0.48 45.85 2.88
C ILE B 280 1.53 46.42 3.81
N GLU B 281 2.59 45.63 4.05
CA GLU B 281 3.68 45.97 5.00
C GLU B 281 4.28 47.36 4.77
N ASP B 282 4.70 47.60 3.53
CA ASP B 282 5.24 48.90 3.11
C ASP B 282 4.23 50.08 3.18
N GLY B 283 3.07 49.88 3.78
CA GLY B 283 2.09 50.94 3.95
C GLY B 283 1.19 51.18 2.75
N SER B 284 1.39 50.43 1.66
CA SER B 284 0.48 50.55 0.51
C SER B 284 -0.79 49.73 0.75
N VAL B 285 -1.67 49.73 -0.25
CA VAL B 285 -2.95 49.01 -0.18
C VAL B 285 -3.16 48.24 -1.46
N GLN B 286 -3.55 46.99 -1.30
CA GLN B 286 -3.78 46.09 -2.44
C GLN B 286 -5.27 45.82 -2.48
N LEU B 287 -5.88 46.02 -3.66
CA LEU B 287 -7.33 45.88 -3.82
C LEU B 287 -7.70 44.47 -4.25
N ALA B 288 -8.80 43.96 -3.68
CA ALA B 288 -9.42 42.70 -4.12
C ALA B 288 -10.83 42.99 -4.62
N ASP B 289 -11.00 43.00 -5.94
CA ASP B 289 -12.25 43.39 -6.56
C ASP B 289 -13.21 42.19 -6.60
N HIS B 290 -14.30 42.24 -5.83
CA HIS B 290 -15.21 41.09 -5.67
C HIS B 290 -16.44 41.18 -6.54
N TYR B 291 -16.69 40.11 -7.30
CA TYR B 291 -17.94 39.91 -8.04
C TYR B 291 -18.58 38.63 -7.54
N GLN B 292 -19.86 38.69 -7.20
CA GLN B 292 -20.53 37.64 -6.45
C GLN B 292 -21.94 37.44 -6.95
N GLN B 293 -22.36 36.18 -7.08
CA GLN B 293 -23.78 35.88 -7.29
C GLN B 293 -24.23 34.84 -6.27
N ASN B 294 -25.49 34.91 -5.88
CA ASN B 294 -26.10 33.97 -4.94
C ASN B 294 -27.44 33.47 -5.50
N THR B 295 -27.67 32.17 -5.34
CA THR B 295 -28.88 31.52 -5.86
C THR B 295 -29.39 30.50 -4.86
N PRO B 296 -30.71 30.43 -4.66
CA PRO B 296 -31.25 29.38 -3.80
C PRO B 296 -30.93 27.95 -4.27
N ILE B 297 -30.83 27.04 -3.30
CA ILE B 297 -30.63 25.63 -3.59
C ILE B 297 -32.03 25.00 -3.69
N GLY B 298 -32.89 25.31 -2.73
CA GLY B 298 -34.29 24.85 -2.74
C GLY B 298 -35.15 25.52 -3.79
N ASP B 299 -36.41 25.09 -3.87
CA ASP B 299 -37.34 25.55 -4.91
C ASP B 299 -38.40 26.51 -4.36
N GLY B 300 -38.43 26.71 -3.05
CA GLY B 300 -39.42 27.58 -2.42
C GLY B 300 -39.05 29.05 -2.57
N PRO B 301 -40.03 29.94 -2.77
CA PRO B 301 -39.80 31.38 -2.98
C PRO B 301 -38.79 32.01 -2.06
N VAL B 302 -38.12 33.05 -2.55
CA VAL B 302 -37.19 33.82 -1.73
C VAL B 302 -37.54 35.28 -1.79
N LEU B 303 -36.99 36.05 -0.86
CA LEU B 303 -37.08 37.51 -0.86
C LEU B 303 -36.01 38.09 -1.79
N LEU B 304 -36.44 38.71 -2.87
CA LEU B 304 -35.53 39.43 -3.76
C LEU B 304 -35.49 40.91 -3.37
N PRO B 305 -34.31 41.40 -2.95
CA PRO B 305 -34.26 42.76 -2.38
C PRO B 305 -34.20 43.89 -3.41
N ASP B 306 -34.60 45.09 -2.99
CA ASP B 306 -34.21 46.31 -3.67
C ASP B 306 -32.77 46.62 -3.30
N ASN B 307 -32.13 47.49 -4.07
CA ASN B 307 -30.73 47.80 -3.85
C ASN B 307 -30.50 48.28 -2.43
N HIS B 308 -29.45 47.77 -1.80
CA HIS B 308 -29.06 48.20 -0.47
C HIS B 308 -27.63 47.76 -0.24
N TYR B 309 -27.07 47.98 0.94
CA TYR B 309 -25.71 47.49 1.19
C TYR B 309 -25.52 47.02 2.62
N LEU B 310 -24.45 46.27 2.82
CA LEU B 310 -24.02 45.84 4.15
C LEU B 310 -22.77 46.59 4.50
N SER B 311 -22.69 47.03 5.74
CA SER B 311 -21.53 47.72 6.23
C SER B 311 -20.83 46.72 7.16
N THR B 312 -19.59 46.34 6.83
CA THR B 312 -18.88 45.29 7.54
C THR B 312 -17.78 45.85 8.39
N GLN B 313 -17.27 44.99 9.26
CA GLN B 313 -16.24 45.35 10.21
C GLN B 313 -15.67 44.04 10.76
N SER B 314 -14.36 43.87 10.74
CA SER B 314 -13.74 42.57 11.06
C SER B 314 -12.47 42.76 11.86
N ALA B 315 -12.29 42.00 12.93
CA ALA B 315 -11.03 41.99 13.72
C ALA B 315 -10.41 40.61 13.60
N LEU B 316 -9.10 40.56 13.31
CA LEU B 316 -8.39 39.31 13.21
C LEU B 316 -7.43 39.20 14.37
N SER B 317 -7.41 38.06 15.05
CA SER B 317 -6.46 37.82 16.15
C SER B 317 -5.92 36.40 16.08
N LYS B 318 -4.98 36.09 16.98
CA LYS B 318 -4.52 34.72 17.18
C LYS B 318 -4.97 34.15 18.54
N ASP B 319 -4.97 32.83 18.61
CA ASP B 319 -5.05 32.11 19.87
C ASP B 319 -3.62 31.84 20.36
N PRO B 320 -3.24 32.39 21.52
CA PRO B 320 -1.83 32.26 21.95
C PRO B 320 -1.40 30.81 22.28
N ASN B 321 -2.37 29.92 22.40
CA ASN B 321 -2.17 28.56 22.84
C ASN B 321 -2.27 27.60 21.65
N GLU B 322 -2.43 28.16 20.45
CA GLU B 322 -2.62 27.37 19.24
C GLU B 322 -1.35 27.28 18.38
N LYS B 323 -0.82 26.07 18.26
CA LYS B 323 0.40 25.83 17.48
C LYS B 323 0.11 25.67 15.99
N ARG B 324 -1.10 25.25 15.62
CA ARG B 324 -1.44 25.12 14.19
C ARG B 324 -1.59 26.51 13.55
N ASP B 325 -1.32 26.60 12.25
CA ASP B 325 -1.44 27.86 11.50
C ASP B 325 -2.94 28.21 11.47
N HIS B 326 -3.31 29.44 11.87
CA HIS B 326 -4.74 29.76 12.08
C HIS B 326 -5.13 31.24 12.15
N MET B 327 -6.45 31.49 12.25
CA MET B 327 -7.04 32.83 12.38
C MET B 327 -8.29 32.81 13.27
N VAL B 328 -8.33 33.69 14.26
CA VAL B 328 -9.55 33.96 15.01
C VAL B 328 -10.18 35.22 14.43
N LEU B 329 -11.49 35.21 14.27
CA LEU B 329 -12.19 36.29 13.56
C LEU B 329 -13.42 36.78 14.32
N LEU B 330 -13.49 38.07 14.54
CA LEU B 330 -14.67 38.66 15.15
C LEU B 330 -15.19 39.66 14.16
N GLU B 331 -16.47 39.61 13.84
CA GLU B 331 -16.98 40.37 12.71
C GLU B 331 -18.39 40.92 12.99
N PHE B 332 -18.65 42.17 12.63
CA PHE B 332 -20.00 42.74 12.77
C PHE B 332 -20.43 43.27 11.42
N VAL B 333 -21.68 43.01 11.07
CA VAL B 333 -22.23 43.44 9.80
C VAL B 333 -23.68 43.89 9.98
N THR B 334 -24.07 44.99 9.35
CA THR B 334 -25.43 45.50 9.44
C THR B 334 -25.88 45.91 8.05
N ALA B 335 -27.15 45.71 7.76
CA ALA B 335 -27.70 46.12 6.49
C ALA B 335 -28.05 47.59 6.56
N ALA B 336 -28.07 48.22 5.40
CA ALA B 336 -28.35 49.66 5.33
C ALA B 336 -28.72 50.04 3.89
N GLY B 337 -29.10 51.30 3.71
CA GLY B 337 -29.35 51.83 2.38
C GLY B 337 -30.81 51.74 2.01
N ILE B 338 -31.63 51.48 3.03
CA ILE B 338 -33.09 51.46 2.91
C ILE B 338 -33.67 51.98 4.24
N THR B 339 -34.63 52.91 4.17
CA THR B 339 -34.94 53.82 5.30
C THR B 339 -36.42 53.86 5.79
N LYS C 4 31.54 -35.58 -12.67
CA LYS C 4 30.96 -36.92 -13.01
C LYS C 4 29.46 -36.83 -13.33
N GLY C 5 28.81 -37.99 -13.45
CA GLY C 5 27.39 -38.08 -13.76
C GLY C 5 26.44 -37.35 -12.82
N GLU C 6 26.75 -37.34 -11.52
CA GLU C 6 25.89 -36.68 -10.52
C GLU C 6 25.80 -35.16 -10.73
N GLU C 7 26.81 -34.59 -11.38
CA GLU C 7 26.83 -33.16 -11.71
C GLU C 7 25.97 -32.86 -12.93
N LEU C 8 25.32 -33.88 -13.50
CA LEU C 8 24.28 -33.70 -14.52
C LEU C 8 22.88 -33.59 -13.91
N PHE C 9 22.78 -33.55 -12.58
CA PHE C 9 21.49 -33.50 -11.91
C PHE C 9 21.35 -32.31 -10.95
N THR C 10 22.22 -31.30 -11.03
CA THR C 10 22.22 -30.23 -10.01
C THR C 10 20.98 -29.32 -10.06
N GLY C 11 20.32 -29.25 -11.20
CA GLY C 11 19.09 -28.48 -11.32
C GLY C 11 17.96 -29.38 -11.76
N VAL C 12 16.87 -28.76 -12.18
CA VAL C 12 15.71 -29.49 -12.69
C VAL C 12 16.08 -30.07 -14.04
N VAL C 13 15.58 -31.27 -14.31
CA VAL C 13 15.98 -32.00 -15.49
C VAL C 13 14.73 -32.57 -16.13
N PRO C 14 14.42 -32.15 -17.39
CA PRO C 14 13.23 -32.69 -18.07
C PRO C 14 13.29 -34.21 -18.24
N ILE C 15 12.16 -34.89 -18.09
CA ILE C 15 12.13 -36.35 -18.18
C ILE C 15 11.13 -36.81 -19.23
N LEU C 16 11.55 -37.80 -20.02
CA LEU C 16 10.74 -38.43 -21.06
C LEU C 16 10.67 -39.95 -20.83
N VAL C 17 9.47 -40.53 -20.87
CA VAL C 17 9.29 -41.97 -20.67
C VAL C 17 8.47 -42.59 -21.80
N GLU C 18 9.03 -43.59 -22.47
CA GLU C 18 8.33 -44.34 -23.50
C GLU C 18 8.23 -45.81 -23.10
N LEU C 19 7.01 -46.33 -23.06
CA LEU C 19 6.75 -47.73 -22.71
C LEU C 19 5.84 -48.46 -23.71
N ASP C 20 6.40 -49.43 -24.43
CA ASP C 20 5.61 -50.49 -25.07
C ASP C 20 5.20 -51.48 -23.99
N GLY C 21 4.17 -52.27 -24.25
CA GLY C 21 3.73 -53.25 -23.26
C GLY C 21 2.79 -54.32 -23.79
N ASP C 22 2.86 -55.50 -23.20
CA ASP C 22 1.96 -56.62 -23.52
C ASP C 22 1.60 -57.38 -22.23
N VAL C 23 0.34 -57.32 -21.83
CA VAL C 23 -0.18 -58.10 -20.69
C VAL C 23 -1.38 -58.96 -21.13
N ASN C 24 -1.17 -60.28 -21.17
CA ASN C 24 -2.24 -61.22 -21.51
C ASN C 24 -2.88 -60.98 -22.89
N GLY C 25 -2.06 -60.55 -23.85
CA GLY C 25 -2.51 -60.31 -25.22
C GLY C 25 -2.86 -58.86 -25.50
N HIS C 26 -3.20 -58.11 -24.45
CA HIS C 26 -3.60 -56.71 -24.58
C HIS C 26 -2.39 -55.80 -24.80
N LYS C 27 -2.28 -55.23 -26.00
CA LYS C 27 -1.18 -54.33 -26.38
C LYS C 27 -1.48 -52.90 -25.95
N PHE C 28 -0.44 -52.15 -25.57
CA PHE C 28 -0.61 -50.75 -25.17
C PHE C 28 0.72 -49.99 -25.20
N SER C 29 0.62 -48.66 -25.24
CA SER C 29 1.79 -47.77 -25.23
C SER C 29 1.58 -46.53 -24.36
N VAL C 30 2.53 -46.27 -23.46
CA VAL C 30 2.43 -45.15 -22.51
C VAL C 30 3.58 -44.15 -22.70
N SER C 31 3.22 -42.88 -22.87
CA SER C 31 4.20 -41.80 -22.95
C SER C 31 4.15 -40.93 -21.69
N GLY C 32 5.30 -40.47 -21.25
CA GLY C 32 5.41 -39.66 -20.04
C GLY C 32 6.31 -38.46 -20.24
N GLU C 33 5.82 -37.30 -19.83
CA GLU C 33 6.60 -36.06 -19.83
C GLU C 33 6.60 -35.54 -18.40
N GLY C 34 7.67 -34.85 -18.03
CA GLY C 34 7.75 -34.24 -16.72
C GLY C 34 9.15 -33.79 -16.39
N GLU C 35 9.40 -33.54 -15.12
CA GLU C 35 10.74 -33.16 -14.69
C GLU C 35 11.12 -33.71 -13.33
N GLY C 36 12.42 -33.77 -13.11
CA GLY C 36 13.00 -34.31 -11.92
C GLY C 36 13.94 -33.32 -11.28
N ASP C 37 14.10 -33.45 -9.98
CA ASP C 37 14.93 -32.56 -9.21
C ASP C 37 15.47 -33.33 -8.01
N ALA C 38 16.72 -33.78 -8.13
CA ALA C 38 17.33 -34.67 -7.14
C ALA C 38 17.80 -33.88 -5.94
N THR C 39 18.41 -32.72 -6.17
CA THR C 39 18.93 -31.89 -5.11
C THR C 39 19.97 -32.72 -4.35
N PHE C 40 20.65 -32.09 -3.41
CA PHE C 40 21.60 -32.81 -2.57
C PHE C 40 21.53 -32.29 -1.14
N GLY C 41 22.44 -32.77 -0.31
CA GLY C 41 22.54 -32.30 1.06
C GLY C 41 21.52 -33.00 1.92
N GLY C 42 21.20 -32.42 3.05
CA GLY C 42 20.26 -33.04 3.95
C GLY C 42 20.22 -32.23 5.23
N SER C 43 19.10 -32.36 5.92
CA SER C 43 18.90 -31.65 7.18
C SER C 43 18.23 -32.57 8.20
N ALA C 44 19.02 -33.12 9.11
CA ALA C 44 18.48 -33.94 10.19
C ALA C 44 17.43 -33.14 10.96
N ASP C 45 17.66 -31.84 11.15
CA ASP C 45 16.69 -31.01 11.83
C ASP C 45 15.34 -31.07 11.12
N LEU C 46 15.28 -30.66 9.86
CA LEU C 46 14.00 -30.72 9.12
C LEU C 46 13.45 -32.15 9.11
N GLU C 47 14.32 -33.12 8.85
CA GLU C 47 13.91 -34.52 8.87
C GLU C 47 13.17 -34.86 10.17
N ASP C 48 13.74 -34.46 11.31
CA ASP C 48 13.10 -34.65 12.62
C ASP C 48 11.81 -33.85 12.69
N ASN C 49 11.91 -32.55 12.39
CA ASN C 49 10.75 -31.66 12.42
C ASN C 49 9.60 -32.18 11.54
N MET C 50 9.91 -32.49 10.28
CA MET C 50 8.94 -33.07 9.35
C MET C 50 8.42 -34.42 9.83
N GLU C 51 9.28 -35.22 10.48
CA GLU C 51 8.84 -36.49 11.08
C GLU C 51 7.77 -36.24 12.14
N THR C 52 8.03 -35.32 13.06
CA THR C 52 7.04 -34.97 14.11
C THR C 52 5.72 -34.57 13.49
N LEU C 53 5.80 -33.68 12.49
CA LEU C 53 4.63 -33.17 11.78
C LEU C 53 3.83 -34.32 11.19
N ASN C 54 4.52 -35.23 10.53
CA ASN C 54 3.86 -36.32 9.81
C ASN C 54 3.25 -37.34 10.77
N ASP C 55 3.99 -37.70 11.81
CA ASP C 55 3.52 -38.63 12.83
C ASP C 55 2.22 -38.14 13.45
N ASN C 56 2.26 -36.93 14.00
CA ASN C 56 1.12 -36.37 14.74
C ASN C 56 -0.11 -36.16 13.85
N LEU C 57 0.13 -35.89 12.57
CA LEU C 57 -0.96 -35.72 11.62
C LEU C 57 -1.81 -36.98 11.52
N LYS C 58 -1.16 -38.14 11.55
CA LYS C 58 -1.87 -39.40 11.53
C LYS C 58 -2.64 -39.58 12.83
N VAL C 59 -1.96 -39.34 13.95
CA VAL C 59 -2.60 -39.36 15.26
C VAL C 59 -3.89 -38.54 15.25
N ILE C 60 -3.88 -37.40 14.57
CA ILE C 60 -5.06 -36.54 14.44
C ILE C 60 -6.21 -37.21 13.66
N GLU C 61 -5.85 -37.92 12.60
CA GLU C 61 -6.85 -38.56 11.73
C GLU C 61 -7.58 -39.73 12.42
N LYS C 62 -6.91 -40.38 13.35
CA LYS C 62 -7.43 -41.56 14.04
C LYS C 62 -8.04 -41.23 15.41
N ALA C 63 -7.85 -40.01 15.91
CA ALA C 63 -8.19 -39.66 17.29
C ALA C 63 -9.68 -39.81 17.64
N ASP C 64 -9.93 -40.11 18.91
CA ASP C 64 -11.29 -40.29 19.43
C ASP C 64 -11.84 -39.01 20.05
N ASN C 65 -11.00 -38.34 20.84
CA ASN C 65 -11.43 -37.23 21.69
C ASN C 65 -10.61 -35.96 21.49
N ALA C 66 -11.00 -34.91 22.22
CA ALA C 66 -10.39 -33.58 22.12
C ALA C 66 -8.92 -33.57 22.52
N ALA C 67 -8.63 -34.11 23.71
CA ALA C 67 -7.27 -34.12 24.26
C ALA C 67 -6.22 -34.56 23.24
N GLN C 68 -6.45 -35.73 22.65
CA GLN C 68 -5.51 -36.33 21.69
C GLN C 68 -5.17 -35.37 20.55
N VAL C 69 -6.18 -34.76 19.96
CA VAL C 69 -6.01 -33.81 18.85
C VAL C 69 -5.26 -32.55 19.32
N LYS C 70 -5.70 -31.97 20.44
CA LYS C 70 -4.99 -30.81 21.03
C LYS C 70 -3.51 -31.10 21.20
N ASP C 71 -3.20 -32.15 21.94
CA ASP C 71 -1.82 -32.54 22.22
C ASP C 71 -1.01 -32.63 20.92
N ALA C 72 -1.59 -33.25 19.90
CA ALA C 72 -0.91 -33.44 18.63
C ALA C 72 -0.68 -32.09 17.91
N LEU C 73 -1.75 -31.32 17.71
CA LEU C 73 -1.65 -30.01 17.11
C LEU C 73 -0.57 -29.16 17.76
N THR C 74 -0.58 -29.13 19.10
CA THR C 74 0.38 -28.37 19.88
C THR C 74 1.81 -28.82 19.57
N LYS C 75 2.02 -30.13 19.53
CA LYS C 75 3.34 -30.66 19.16
C LYS C 75 3.71 -30.26 17.75
N MET C 76 2.76 -30.37 16.81
CA MET C 76 2.97 -29.92 15.44
C MET C 76 3.37 -28.45 15.40
N ARG C 77 2.67 -27.63 16.18
CA ARG C 77 2.93 -26.19 16.22
C ARG C 77 4.41 -25.92 16.51
N ALA C 78 4.96 -26.61 17.52
CA ALA C 78 6.36 -26.43 17.90
C ALA C 78 7.30 -26.85 16.75
N ALA C 79 7.02 -28.00 16.17
CA ALA C 79 7.84 -28.48 15.06
C ALA C 79 7.79 -27.52 13.86
N ALA C 80 6.65 -26.85 13.65
CA ALA C 80 6.51 -25.91 12.55
C ALA C 80 7.41 -24.71 12.77
N LEU C 81 7.28 -24.11 13.95
CA LEU C 81 8.12 -22.98 14.32
C LEU C 81 9.60 -23.34 14.30
N ASP C 82 9.92 -24.60 14.59
CA ASP C 82 11.31 -25.02 14.62
C ASP C 82 11.83 -25.27 13.20
N ALA C 83 11.00 -25.89 12.38
CA ALA C 83 11.32 -26.07 10.97
C ALA C 83 11.56 -24.70 10.32
N GLN C 84 10.76 -23.71 10.73
CA GLN C 84 10.85 -22.35 10.20
C GLN C 84 12.26 -21.75 10.32
N LYS C 85 13.03 -22.21 11.30
CA LYS C 85 14.37 -21.70 11.54
C LYS C 85 15.46 -22.42 10.76
N ALA C 86 15.08 -23.41 9.94
CA ALA C 86 16.06 -24.27 9.24
C ALA C 86 16.28 -23.82 7.80
N THR C 87 17.24 -24.44 7.12
CA THR C 87 17.52 -24.16 5.72
C THR C 87 17.32 -25.44 4.92
N PRO C 88 16.27 -25.51 4.09
CA PRO C 88 16.05 -26.76 3.36
C PRO C 88 17.15 -26.99 2.34
N PRO C 89 17.60 -28.24 2.19
CA PRO C 89 18.74 -28.41 1.31
C PRO C 89 18.66 -27.76 -0.08
N LYS C 90 17.48 -27.65 -0.68
CA LYS C 90 17.34 -26.95 -1.99
C LYS C 90 17.92 -25.55 -1.97
N LEU C 91 17.85 -24.89 -0.83
CA LEU C 91 18.18 -23.47 -0.73
C LEU C 91 19.47 -23.25 0.06
N GLU C 92 20.26 -24.31 0.19
CA GLU C 92 21.54 -24.24 0.90
C GLU C 92 22.39 -23.04 0.47
N ASP C 93 22.45 -22.80 -0.83
CA ASP C 93 23.33 -21.78 -1.42
C ASP C 93 22.61 -20.46 -1.67
N LYS C 94 21.38 -20.36 -1.17
CA LYS C 94 20.63 -19.11 -1.20
C LYS C 94 21.03 -18.29 0.02
N SER C 95 20.79 -16.98 -0.03
CA SER C 95 21.06 -16.13 1.13
C SER C 95 19.94 -16.41 2.11
N PRO C 96 20.23 -16.32 3.41
CA PRO C 96 19.15 -16.47 4.37
C PRO C 96 18.01 -15.48 4.21
N ASP C 97 18.25 -14.25 3.74
CA ASP C 97 17.13 -13.32 3.50
C ASP C 97 16.80 -13.18 1.99
N SER C 98 16.89 -14.28 1.26
CA SER C 98 16.49 -14.32 -0.15
C SER C 98 14.97 -14.51 -0.28
N PRO C 99 14.39 -14.07 -1.39
CA PRO C 99 12.93 -14.25 -1.50
C PRO C 99 12.47 -15.70 -1.33
N GLU C 100 13.31 -16.65 -1.75
CA GLU C 100 12.98 -18.07 -1.67
C GLU C 100 12.97 -18.61 -0.23
N MET C 101 13.93 -18.15 0.58
CA MET C 101 13.91 -18.44 2.01
C MET C 101 12.77 -17.74 2.69
N LYS C 102 12.51 -16.50 2.32
CA LYS C 102 11.37 -15.73 2.88
C LYS C 102 10.05 -16.45 2.63
N ASP C 103 9.89 -17.04 1.43
CA ASP C 103 8.63 -17.75 1.09
C ASP C 103 8.58 -19.05 1.84
N PHE C 104 9.74 -19.69 2.01
CA PHE C 104 9.84 -20.91 2.79
C PHE C 104 9.32 -20.65 4.18
N ARG C 105 9.90 -19.66 4.87
CA ARG C 105 9.42 -19.34 6.21
C ARG C 105 7.92 -19.05 6.18
N HIS C 106 7.47 -18.35 5.14
CA HIS C 106 6.06 -17.96 5.05
C HIS C 106 5.14 -19.17 4.89
N GLY C 107 5.70 -20.27 4.41
CA GLY C 107 4.99 -21.54 4.36
C GLY C 107 4.56 -22.00 5.75
N PHE C 108 5.48 -21.87 6.71
CA PHE C 108 5.19 -22.29 8.09
C PHE C 108 4.29 -21.31 8.83
N ASP C 109 4.29 -20.03 8.43
CA ASP C 109 3.28 -19.09 8.98
C ASP C 109 1.88 -19.57 8.59
N ILE C 110 1.68 -19.92 7.33
CA ILE C 110 0.38 -20.42 6.88
C ILE C 110 0.02 -21.65 7.69
N LEU C 111 0.98 -22.57 7.78
CA LEU C 111 0.80 -23.82 8.52
C LEU C 111 0.47 -23.54 9.96
N VAL C 112 1.26 -22.69 10.62
CA VAL C 112 1.01 -22.40 12.02
C VAL C 112 -0.37 -21.77 12.16
N GLY C 113 -0.70 -20.89 11.21
CA GLY C 113 -2.01 -20.26 11.17
C GLY C 113 -3.13 -21.27 11.11
N GLN C 114 -2.95 -22.28 10.27
CA GLN C 114 -3.94 -23.35 10.12
C GLN C 114 -4.01 -24.19 11.41
N ILE C 115 -2.85 -24.51 11.97
CA ILE C 115 -2.77 -25.32 13.21
C ILE C 115 -3.53 -24.63 14.35
N ASP C 116 -3.41 -23.31 14.44
CA ASP C 116 -4.17 -22.54 15.42
C ASP C 116 -5.66 -22.64 15.17
N ASP C 117 -6.07 -22.60 13.90
CA ASP C 117 -7.50 -22.69 13.54
C ASP C 117 -8.10 -23.97 14.06
N ALA C 118 -7.40 -25.07 13.77
CA ALA C 118 -7.76 -26.39 14.28
C ALA C 118 -7.83 -26.38 15.80
N LEU C 119 -6.78 -25.87 16.44
CA LEU C 119 -6.73 -25.79 17.92
C LEU C 119 -7.97 -25.11 18.51
N LYS C 120 -8.38 -23.99 17.93
CA LYS C 120 -9.56 -23.23 18.42
C LYS C 120 -10.78 -24.15 18.57
N LEU C 121 -11.00 -24.96 17.55
CA LEU C 121 -12.14 -25.87 17.48
C LEU C 121 -11.97 -27.07 18.41
N ALA C 122 -10.75 -27.55 18.54
CA ALA C 122 -10.42 -28.66 19.45
C ALA C 122 -10.57 -28.23 20.91
N ASN C 123 -10.31 -26.96 21.19
CA ASN C 123 -10.51 -26.38 22.52
C ASN C 123 -11.99 -26.16 22.86
N GLU C 124 -12.86 -26.22 21.84
CA GLU C 124 -14.31 -26.12 22.04
C GLU C 124 -14.97 -27.49 22.27
N GLY C 125 -14.19 -28.57 22.13
CA GLY C 125 -14.70 -29.93 22.26
C GLY C 125 -15.28 -30.48 20.95
N LYS C 126 -15.18 -29.69 19.88
CA LYS C 126 -15.63 -30.10 18.56
C LYS C 126 -14.49 -30.90 17.91
N VAL C 127 -14.60 -32.23 17.97
CA VAL C 127 -13.52 -33.14 17.55
C VAL C 127 -13.56 -33.42 16.04
N LYS C 128 -14.76 -33.46 15.48
CA LYS C 128 -14.96 -33.70 14.04
C LYS C 128 -14.53 -32.51 13.19
N GLU C 129 -14.94 -31.32 13.61
CA GLU C 129 -14.67 -30.08 12.89
C GLU C 129 -13.16 -29.80 12.86
N ALA C 130 -12.50 -30.04 14.00
CA ALA C 130 -11.05 -29.88 14.11
C ALA C 130 -10.32 -30.79 13.13
N GLN C 131 -10.71 -32.07 13.10
CA GLN C 131 -10.12 -33.04 12.18
C GLN C 131 -10.27 -32.63 10.70
N ALA C 132 -11.37 -31.95 10.38
CA ALA C 132 -11.60 -31.42 9.03
C ALA C 132 -10.63 -30.28 8.71
N ALA C 133 -10.46 -29.38 9.67
CA ALA C 133 -9.53 -28.26 9.55
C ALA C 133 -8.10 -28.74 9.38
N ALA C 134 -7.76 -29.83 10.08
CA ALA C 134 -6.40 -30.39 10.03
C ALA C 134 -6.06 -31.04 8.69
N GLU C 135 -7.07 -31.49 7.94
CA GLU C 135 -6.86 -32.04 6.60
C GLU C 135 -6.30 -31.01 5.65
N GLN C 136 -6.60 -29.75 5.88
CA GLN C 136 -6.21 -28.69 4.95
C GLN C 136 -4.72 -28.32 5.04
N LEU C 137 -4.07 -28.73 6.12
CA LEU C 137 -2.61 -28.67 6.21
C LEU C 137 -1.95 -29.41 5.05
N LYS C 138 -2.61 -30.43 4.53
CA LYS C 138 -2.09 -31.21 3.40
C LYS C 138 -1.91 -30.37 2.14
N THR C 139 -2.75 -29.37 1.95
CA THR C 139 -2.66 -28.50 0.77
C THR C 139 -1.41 -27.64 0.80
N THR C 140 -1.20 -27.02 1.96
CA THR C 140 0.01 -26.26 2.22
C THR C 140 1.26 -27.13 2.08
N ARG C 141 1.17 -28.35 2.60
CA ARG C 141 2.29 -29.27 2.52
C ARG C 141 2.63 -29.53 1.06
N ASN C 142 1.58 -29.80 0.29
CA ASN C 142 1.75 -30.23 -1.09
C ASN C 142 2.41 -29.14 -1.88
N ALA C 143 1.94 -27.90 -1.71
CA ALA C 143 2.48 -26.72 -2.43
C ALA C 143 3.91 -26.47 -2.02
N TYR C 144 4.18 -26.53 -0.72
CA TYR C 144 5.51 -26.22 -0.26
C TYR C 144 6.56 -27.32 -0.54
N HIS C 145 6.14 -28.59 -0.45
CA HIS C 145 7.04 -29.69 -0.85
C HIS C 145 7.42 -29.59 -2.32
N GLN C 146 6.46 -29.14 -3.12
CA GLN C 146 6.68 -29.07 -4.56
C GLN C 146 7.67 -27.98 -4.92
N LYS C 147 7.72 -26.95 -4.09
CA LYS C 147 8.61 -25.83 -4.31
C LYS C 147 9.97 -26.10 -3.69
N TYR C 148 10.01 -26.78 -2.54
CA TYR C 148 11.24 -26.85 -1.72
C TYR C 148 11.71 -28.24 -1.27
N ARG C 149 10.91 -29.27 -1.49
CA ARG C 149 11.34 -30.60 -1.13
C ARG C 149 12.03 -31.32 -2.26
N GLY C 150 13.22 -31.83 -1.94
CA GLY C 150 14.11 -32.49 -2.90
C GLY C 150 13.80 -33.95 -3.13
N GLY C 151 14.58 -34.56 -4.01
CA GLY C 151 14.39 -35.96 -4.39
C GLY C 151 13.06 -36.13 -5.08
N LYS C 152 12.69 -35.12 -5.87
CA LYS C 152 11.33 -34.93 -6.35
C LYS C 152 11.23 -35.23 -7.83
N LEU C 153 10.16 -35.89 -8.23
CA LEU C 153 9.79 -35.89 -9.64
C LEU C 153 8.29 -35.83 -9.87
N THR C 154 7.93 -35.14 -10.95
CA THR C 154 6.55 -34.81 -11.31
C THR C 154 6.37 -35.15 -12.78
N LEU C 155 5.46 -36.06 -13.05
CA LEU C 155 5.26 -36.53 -14.41
C LEU C 155 3.77 -36.69 -14.68
N LYS C 156 3.40 -36.44 -15.93
CA LYS C 156 2.11 -36.84 -16.46
C LYS C 156 2.36 -37.95 -17.47
N PHE C 157 1.55 -39.00 -17.38
CA PHE C 157 1.65 -40.13 -18.28
C PHE C 157 0.37 -40.20 -19.07
N ILE C 158 0.49 -40.58 -20.34
CA ILE C 158 -0.66 -40.71 -21.24
C ILE C 158 -0.64 -42.11 -21.83
N CYS C 159 -1.81 -42.74 -21.91
CA CYS C 159 -1.93 -44.01 -22.63
C CYS C 159 -2.22 -43.71 -24.12
N THR C 160 -1.16 -43.69 -24.92
CA THR C 160 -1.22 -43.29 -26.33
C THR C 160 -1.71 -44.41 -27.28
N THR C 161 -2.52 -45.35 -26.77
CA THR C 161 -3.25 -46.31 -27.61
C THR C 161 -4.74 -46.41 -27.24
N GLY C 162 -5.18 -45.71 -26.19
CA GLY C 162 -6.58 -45.75 -25.76
C GLY C 162 -6.71 -46.03 -24.26
N LYS C 163 -7.65 -46.91 -23.90
CA LYS C 163 -7.85 -47.28 -22.51
C LYS C 163 -6.78 -48.27 -22.02
N LEU C 164 -6.07 -47.90 -20.94
CA LEU C 164 -5.06 -48.76 -20.32
C LEU C 164 -5.68 -50.06 -19.82
N PRO C 165 -5.12 -51.21 -20.24
CA PRO C 165 -5.73 -52.50 -19.89
C PRO C 165 -5.52 -52.94 -18.45
N VAL C 166 -4.51 -52.37 -17.77
CA VAL C 166 -4.22 -52.65 -16.35
C VAL C 166 -4.44 -51.41 -15.46
N PRO C 167 -4.46 -51.59 -14.14
CA PRO C 167 -4.50 -50.42 -13.24
C PRO C 167 -3.20 -49.63 -13.25
N TRP C 168 -3.31 -48.30 -13.33
CA TRP C 168 -2.14 -47.42 -13.34
C TRP C 168 -1.12 -47.69 -12.22
N PRO C 169 -1.59 -47.89 -10.97
CA PRO C 169 -0.68 -48.19 -9.86
C PRO C 169 0.30 -49.33 -10.09
N THR C 170 -0.08 -50.34 -10.89
CA THR C 170 0.85 -51.44 -11.19
C THR C 170 2.05 -50.99 -12.06
N LEU C 171 1.87 -49.90 -12.82
CA LEU C 171 2.91 -49.44 -13.74
C LEU C 171 3.91 -48.51 -13.10
N VAL C 172 3.49 -47.84 -12.04
CA VAL C 172 4.29 -46.79 -11.38
C VAL C 172 5.79 -47.09 -11.19
N THR C 173 6.11 -48.27 -10.71
CA THR C 173 7.50 -48.64 -10.50
C THR C 173 8.26 -48.76 -11.81
N THR C 174 7.59 -49.25 -12.84
CA THR C 174 8.25 -49.47 -14.13
C THR C 174 8.45 -48.15 -14.88
N LEU C 175 7.49 -47.23 -14.73
CA LEU C 175 7.58 -45.93 -15.38
C LEU C 175 8.58 -45.02 -14.66
N1 CRO C 176 8.42 -44.93 -13.34
CA1 CRO C 176 9.41 -44.27 -12.49
CB1 CRO C 176 8.71 -43.20 -11.63
CG1 CRO C 176 8.07 -42.12 -12.50
OG1 CRO C 176 7.70 -43.81 -10.81
C1 CRO C 176 10.11 -45.31 -11.59
N2 CRO C 176 9.75 -45.60 -10.33
N3 CRO C 176 11.16 -46.04 -11.91
C2 CRO C 176 11.46 -46.81 -10.87
O2 CRO C 176 12.38 -47.63 -10.83
CA2 CRO C 176 10.56 -46.54 -9.82
CA3 CRO C 176 11.85 -46.07 -13.22
C3 CRO C 176 13.18 -45.35 -13.25
O3 CRO C 176 14.24 -45.97 -13.48
CB2 CRO C 176 10.64 -47.20 -8.59
CG2 CRO C 176 9.80 -47.01 -7.47
CD1 CRO C 176 8.72 -46.10 -7.44
CD2 CRO C 176 10.03 -47.77 -6.33
CE1 CRO C 176 7.93 -45.97 -6.31
CE2 CRO C 176 9.22 -47.63 -5.20
CZ CRO C 176 8.17 -46.73 -5.17
OH CRO C 176 7.38 -46.59 -4.05
N VAL C 177 13.11 -44.03 -13.04
CA VAL C 177 14.30 -43.13 -13.11
C VAL C 177 14.78 -42.86 -11.68
N GLN C 178 15.35 -43.88 -11.05
CA GLN C 178 15.78 -43.80 -9.64
C GLN C 178 17.03 -42.94 -9.45
N CYS C 179 17.71 -42.60 -10.56
CA CYS C 179 18.70 -41.53 -10.63
C CYS C 179 18.23 -40.20 -10.02
N PHE C 180 16.92 -40.02 -9.83
CA PHE C 180 16.39 -38.79 -9.22
C PHE C 180 16.19 -38.82 -7.70
N SER C 181 16.53 -39.95 -7.09
CA SER C 181 16.52 -40.09 -5.64
C SER C 181 17.55 -39.14 -5.04
N ARG C 182 17.21 -38.47 -3.94
CA ARG C 182 18.21 -37.64 -3.28
C ARG C 182 19.17 -38.46 -2.42
N TYR C 183 20.45 -38.15 -2.58
CA TYR C 183 21.53 -38.82 -1.87
C TYR C 183 22.22 -37.80 -0.98
N PRO C 184 22.21 -38.02 0.33
CA PRO C 184 22.83 -37.05 1.24
C PRO C 184 24.33 -36.99 1.04
N ASP C 185 24.95 -35.87 1.43
CA ASP C 185 26.39 -35.67 1.21
C ASP C 185 27.19 -36.92 1.51
N HIS C 186 27.17 -37.37 2.76
CA HIS C 186 27.97 -38.51 3.18
C HIS C 186 27.74 -39.77 2.36
N MET C 187 26.64 -39.80 1.61
CA MET C 187 26.30 -40.97 0.78
C MET C 187 26.59 -40.82 -0.72
N LYS C 188 27.26 -39.75 -1.13
CA LYS C 188 27.62 -39.55 -2.54
C LYS C 188 28.21 -40.80 -3.19
N GLN C 189 29.16 -41.40 -2.48
CA GLN C 189 29.90 -42.55 -2.97
C GLN C 189 29.05 -43.77 -3.35
N HIS C 190 27.80 -43.83 -2.87
CA HIS C 190 26.94 -45.00 -3.09
C HIS C 190 25.82 -44.84 -4.12
N ASP C 191 25.89 -43.81 -4.96
CA ASP C 191 24.82 -43.54 -5.92
C ASP C 191 25.17 -44.10 -7.29
N PHE C 192 24.78 -45.36 -7.50
CA PHE C 192 25.07 -46.06 -8.75
C PHE C 192 24.39 -45.40 -9.96
N PHE C 193 23.16 -44.94 -9.73
CA PHE C 193 22.28 -44.50 -10.80
C PHE C 193 22.82 -43.30 -11.53
N LYS C 194 23.20 -42.29 -10.76
CA LYS C 194 23.73 -41.05 -11.33
C LYS C 194 25.11 -41.31 -11.88
N SER C 195 25.89 -42.10 -11.15
CA SER C 195 27.26 -42.42 -11.53
C SER C 195 27.33 -42.83 -12.99
N ALA C 196 26.45 -43.78 -13.36
CA ALA C 196 26.40 -44.38 -14.70
C ALA C 196 26.07 -43.43 -15.88
N MET C 197 25.57 -42.23 -15.59
CA MET C 197 25.22 -41.24 -16.62
C MET C 197 26.47 -40.51 -17.13
N PRO C 198 26.39 -39.86 -18.32
CA PRO C 198 25.25 -39.74 -19.26
C PRO C 198 24.94 -41.01 -20.06
N GLU C 199 25.84 -41.98 -20.04
CA GLU C 199 25.74 -43.16 -20.90
C GLU C 199 24.56 -44.06 -20.48
N GLY C 200 24.27 -44.08 -19.19
CA GLY C 200 23.04 -44.70 -18.68
C GLY C 200 23.14 -46.17 -18.30
N TYR C 201 21.98 -46.77 -18.00
CA TYR C 201 21.92 -48.14 -17.50
C TYR C 201 20.70 -48.92 -18.01
N VAL C 202 20.87 -50.23 -18.14
CA VAL C 202 19.78 -51.15 -18.47
C VAL C 202 19.12 -51.59 -17.18
N GLN C 203 17.83 -51.29 -17.01
CA GLN C 203 17.08 -51.71 -15.82
C GLN C 203 16.09 -52.83 -16.17
N GLU C 204 16.42 -54.05 -15.73
CA GLU C 204 15.57 -55.24 -15.95
C GLU C 204 14.86 -55.67 -14.67
N ARG C 205 13.56 -55.98 -14.77
CA ARG C 205 12.78 -56.43 -13.61
C ARG C 205 12.06 -57.75 -13.84
N THR C 206 11.64 -58.35 -12.73
CA THR C 206 10.54 -59.28 -12.72
C THR C 206 9.65 -58.86 -11.55
N ILE C 207 8.41 -58.50 -11.85
CA ILE C 207 7.44 -58.19 -10.80
C ILE C 207 6.39 -59.30 -10.74
N PHE C 208 6.52 -60.15 -9.72
CA PHE C 208 5.51 -61.17 -9.40
C PHE C 208 4.38 -60.51 -8.60
N PHE C 209 3.15 -60.65 -9.09
CA PHE C 209 1.97 -60.23 -8.33
C PHE C 209 1.44 -61.45 -7.58
N LYS C 210 1.25 -61.31 -6.27
CA LYS C 210 0.96 -62.48 -5.42
C LYS C 210 -0.40 -63.08 -5.76
N ASP C 211 -0.44 -64.40 -5.87
CA ASP C 211 -1.63 -65.15 -6.30
C ASP C 211 -2.14 -64.73 -7.70
N ASP C 212 -1.24 -64.27 -8.57
CA ASP C 212 -1.62 -63.79 -9.91
C ASP C 212 -0.42 -63.86 -10.88
N GLY C 213 -0.49 -63.12 -11.99
CA GLY C 213 0.57 -63.10 -13.01
C GLY C 213 1.78 -62.24 -12.66
N ASN C 214 2.67 -62.04 -13.64
CA ASN C 214 3.91 -61.28 -13.43
C ASN C 214 4.31 -60.41 -14.63
N TYR C 215 4.93 -59.26 -14.36
CA TYR C 215 5.53 -58.45 -15.43
C TYR C 215 7.01 -58.74 -15.54
N LYS C 216 7.49 -58.86 -16.78
CA LYS C 216 8.92 -58.88 -17.08
C LYS C 216 9.22 -57.69 -17.99
N THR C 217 10.16 -56.85 -17.56
CA THR C 217 10.42 -55.59 -18.23
C THR C 217 11.90 -55.35 -18.43
N ARG C 218 12.27 -54.79 -19.58
CA ARG C 218 13.61 -54.30 -19.83
C ARG C 218 13.51 -52.81 -20.11
N ALA C 219 14.47 -52.05 -19.59
CA ALA C 219 14.44 -50.59 -19.74
C ALA C 219 15.83 -49.97 -19.78
N GLU C 220 16.10 -49.15 -20.81
CA GLU C 220 17.34 -48.36 -20.88
C GLU C 220 17.08 -46.94 -20.37
N VAL C 221 17.89 -46.51 -19.40
CA VAL C 221 17.76 -45.17 -18.81
C VAL C 221 19.04 -44.37 -19.08
N LYS C 222 18.94 -43.31 -19.89
CA LYS C 222 20.11 -42.51 -20.28
C LYS C 222 19.68 -41.10 -20.74
N PHE C 223 20.66 -40.19 -20.89
CA PHE C 223 20.40 -38.85 -21.44
C PHE C 223 20.29 -38.84 -22.97
N GLU C 224 19.38 -38.01 -23.48
CA GLU C 224 19.24 -37.73 -24.93
C GLU C 224 19.20 -36.22 -25.14
N GLY C 225 20.38 -35.60 -25.11
CA GLY C 225 20.49 -34.14 -25.06
C GLY C 225 20.41 -33.72 -23.60
N ASP C 226 19.55 -32.76 -23.29
CA ASP C 226 19.28 -32.33 -21.90
C ASP C 226 18.22 -33.18 -21.20
N THR C 227 17.54 -34.06 -21.93
CA THR C 227 16.39 -34.81 -21.41
C THR C 227 16.75 -36.24 -21.02
N LEU C 228 16.45 -36.59 -19.78
CA LEU C 228 16.65 -37.94 -19.26
C LEU C 228 15.51 -38.85 -19.78
N VAL C 229 15.88 -39.93 -20.46
CA VAL C 229 14.90 -40.76 -21.14
C VAL C 229 14.83 -42.17 -20.54
N ASN C 230 13.62 -42.64 -20.27
CA ASN C 230 13.38 -44.00 -19.77
C ASN C 230 12.56 -44.79 -20.79
N ARG C 231 13.27 -45.53 -21.65
CA ARG C 231 12.66 -46.39 -22.66
C ARG C 231 12.42 -47.79 -22.08
N ILE C 232 11.19 -48.32 -22.22
CA ILE C 232 10.82 -49.60 -21.60
C ILE C 232 9.99 -50.48 -22.52
N GLU C 233 10.38 -51.74 -22.69
CA GLU C 233 9.47 -52.76 -23.18
C GLU C 233 8.93 -53.49 -21.96
N LEU C 234 7.68 -53.96 -22.03
CA LEU C 234 7.06 -54.70 -20.92
C LEU C 234 6.26 -55.91 -21.43
N LYS C 235 6.45 -57.06 -20.78
CA LYS C 235 5.73 -58.28 -21.10
C LYS C 235 5.16 -58.96 -19.85
N GLY C 236 3.87 -58.82 -19.63
CA GLY C 236 3.15 -59.56 -18.60
C GLY C 236 2.55 -60.85 -19.14
N ILE C 237 2.27 -61.80 -18.25
CA ILE C 237 1.58 -63.05 -18.60
C ILE C 237 0.89 -63.66 -17.37
N ASP C 238 0.09 -64.70 -17.58
CA ASP C 238 -0.55 -65.51 -16.52
C ASP C 238 -1.66 -64.82 -15.71
N PHE C 239 -2.05 -63.61 -16.10
CA PHE C 239 -2.92 -62.80 -15.24
C PHE C 239 -4.38 -63.26 -15.21
N LYS C 240 -4.87 -63.44 -13.98
CA LYS C 240 -6.19 -64.01 -13.74
C LYS C 240 -7.32 -63.01 -14.06
N GLU C 241 -8.26 -63.46 -14.89
CA GLU C 241 -9.45 -62.70 -15.25
C GLU C 241 -10.30 -62.35 -14.02
N ASP C 242 -10.38 -63.28 -13.07
CA ASP C 242 -11.06 -63.04 -11.79
C ASP C 242 -10.25 -62.10 -10.86
N GLY C 243 -8.96 -61.93 -11.14
CA GLY C 243 -8.05 -61.22 -10.25
C GLY C 243 -8.25 -59.73 -10.12
N ASN C 244 -7.39 -59.11 -9.30
CA ASN C 244 -7.50 -57.70 -8.96
C ASN C 244 -6.82 -56.75 -9.95
N ILE C 245 -6.08 -57.31 -10.91
CA ILE C 245 -5.36 -56.53 -11.91
C ILE C 245 -6.24 -56.29 -13.13
N LEU C 246 -6.59 -57.38 -13.81
CA LEU C 246 -7.46 -57.31 -15.00
C LEU C 246 -8.88 -56.94 -14.60
N GLY C 247 -9.26 -57.26 -13.36
CA GLY C 247 -10.56 -56.85 -12.82
C GLY C 247 -10.61 -55.39 -12.37
N HIS C 248 -9.49 -54.68 -12.48
CA HIS C 248 -9.40 -53.29 -12.07
C HIS C 248 -9.99 -53.09 -10.68
N LYS C 249 -9.52 -53.90 -9.72
CA LYS C 249 -9.98 -53.86 -8.33
C LYS C 249 -9.01 -53.12 -7.42
N LEU C 250 -7.91 -52.63 -7.99
CA LEU C 250 -6.98 -51.77 -7.24
C LEU C 250 -7.66 -50.42 -6.96
N GLU C 251 -7.17 -49.73 -5.94
CA GLU C 251 -7.57 -48.34 -5.72
C GLU C 251 -6.60 -47.46 -6.48
N TYR C 252 -7.00 -46.23 -6.75
CA TYR C 252 -6.11 -45.25 -7.33
C TYR C 252 -5.34 -44.56 -6.20
N ASN C 253 -4.38 -45.30 -5.65
CA ASN C 253 -3.46 -44.73 -4.67
C ASN C 253 -2.16 -45.53 -4.56
N TYR C 254 -1.22 -44.98 -3.81
CA TYR C 254 0.10 -45.58 -3.68
C TYR C 254 0.60 -45.46 -2.24
N ASN C 255 1.39 -46.46 -1.85
CA ASN C 255 1.95 -46.60 -0.49
C ASN C 255 3.46 -46.27 -0.41
N SER C 256 3.93 -45.87 0.76
CA SER C 256 5.34 -45.56 0.95
C SER C 256 6.14 -46.84 1.22
N HIS C 257 7.27 -46.99 0.55
CA HIS C 257 8.02 -48.24 0.59
C HIS C 257 9.51 -48.11 0.97
N ASN C 258 10.13 -49.26 1.24
CA ASN C 258 11.59 -49.36 1.23
C ASN C 258 12.07 -50.18 0.04
N VAL C 259 13.11 -49.67 -0.60
CA VAL C 259 13.65 -50.20 -1.84
C VAL C 259 15.10 -50.62 -1.60
N TYR C 260 15.34 -51.91 -1.39
CA TYR C 260 16.64 -52.40 -0.88
C TYR C 260 17.67 -52.67 -1.98
N ILE C 261 18.83 -52.04 -1.88
CA ILE C 261 19.88 -52.12 -2.90
C ILE C 261 21.15 -52.80 -2.37
N MET C 262 21.74 -53.65 -3.20
CA MET C 262 23.07 -54.22 -2.97
C MET C 262 23.87 -54.04 -4.26
N ALA C 263 25.19 -53.98 -4.13
CA ALA C 263 26.03 -54.01 -5.31
C ALA C 263 26.08 -55.45 -5.79
N ASP C 264 26.23 -55.62 -7.10
CA ASP C 264 26.46 -56.93 -7.72
C ASP C 264 27.77 -56.85 -8.49
N LYS C 265 28.83 -57.31 -7.84
CA LYS C 265 30.18 -57.07 -8.33
C LYS C 265 30.46 -57.82 -9.62
N GLN C 266 29.76 -58.93 -9.84
CA GLN C 266 29.89 -59.74 -11.06
C GLN C 266 29.44 -59.00 -12.32
N LYS C 267 28.37 -58.21 -12.19
CA LYS C 267 27.79 -57.52 -13.34
C LYS C 267 28.03 -56.00 -13.29
N ASN C 268 29.05 -55.59 -12.55
CA ASN C 268 29.45 -54.18 -12.40
C ASN C 268 28.28 -53.19 -12.20
N GLY C 269 27.22 -53.67 -11.55
CA GLY C 269 26.02 -52.86 -11.29
C GLY C 269 25.38 -53.28 -9.97
N ILE C 270 24.05 -53.18 -9.88
CA ILE C 270 23.34 -53.49 -8.62
C ILE C 270 22.25 -54.55 -8.76
N LYS C 271 21.77 -55.03 -7.61
CA LYS C 271 20.65 -55.96 -7.51
C LYS C 271 19.69 -55.44 -6.43
N VAL C 272 18.52 -55.00 -6.89
CA VAL C 272 17.53 -54.34 -6.06
C VAL C 272 16.42 -55.32 -5.76
N ASN C 273 15.71 -55.10 -4.65
CA ASN C 273 14.53 -55.89 -4.31
C ASN C 273 13.63 -55.18 -3.31
N PHE C 274 12.33 -55.40 -3.46
CA PHE C 274 11.35 -54.76 -2.60
C PHE C 274 9.96 -55.35 -2.83
N LYS C 275 9.00 -54.95 -2.00
CA LYS C 275 7.64 -55.47 -2.05
C LYS C 275 6.61 -54.36 -1.99
N ILE C 276 6.00 -54.07 -3.13
CA ILE C 276 4.99 -53.03 -3.23
C ILE C 276 3.64 -53.53 -2.71
N ARG C 277 2.97 -52.67 -1.94
CA ARG C 277 1.67 -52.95 -1.34
C ARG C 277 0.58 -52.11 -2.05
N HIS C 278 -0.31 -52.80 -2.78
CA HIS C 278 -1.37 -52.16 -3.54
C HIS C 278 -2.70 -52.29 -2.80
N ASN C 279 -3.27 -51.17 -2.35
CA ASN C 279 -4.58 -51.18 -1.71
C ASN C 279 -5.72 -51.61 -2.64
N ILE C 280 -6.44 -52.66 -2.23
CA ILE C 280 -7.60 -53.18 -2.99
C ILE C 280 -8.91 -52.60 -2.42
N GLU C 281 -9.92 -52.47 -3.28
CA GLU C 281 -11.21 -51.84 -2.94
C GLU C 281 -11.82 -52.30 -1.60
N ASP C 282 -11.80 -53.61 -1.34
CA ASP C 282 -12.43 -54.17 -0.14
C ASP C 282 -11.74 -53.81 1.18
N GLY C 283 -10.43 -53.54 1.14
CA GLY C 283 -9.63 -53.32 2.35
C GLY C 283 -8.43 -54.25 2.45
N SER C 284 -8.38 -55.25 1.58
CA SER C 284 -7.24 -56.15 1.51
C SER C 284 -6.02 -55.43 0.94
N VAL C 285 -4.93 -56.17 0.78
CA VAL C 285 -3.76 -55.66 0.06
C VAL C 285 -3.29 -56.75 -0.91
N GLN C 286 -3.01 -56.32 -2.14
CA GLN C 286 -2.34 -57.15 -3.13
C GLN C 286 -0.84 -56.82 -3.05
N LEU C 287 -0.01 -57.86 -3.09
CA LEU C 287 1.44 -57.69 -2.98
C LEU C 287 2.09 -57.90 -4.33
N ALA C 288 3.21 -57.22 -4.55
CA ALA C 288 3.92 -57.26 -5.83
C ALA C 288 5.42 -57.35 -5.59
N ASP C 289 5.95 -58.57 -5.69
CA ASP C 289 7.38 -58.81 -5.48
C ASP C 289 8.22 -58.33 -6.68
N HIS C 290 9.14 -57.39 -6.42
CA HIS C 290 10.00 -56.84 -7.47
C HIS C 290 11.40 -57.42 -7.40
N TYR C 291 11.91 -57.87 -8.54
CA TYR C 291 13.27 -58.38 -8.62
C TYR C 291 14.02 -57.63 -9.70
N GLN C 292 14.73 -56.61 -9.28
CA GLN C 292 15.32 -55.67 -10.21
C GLN C 292 16.81 -55.95 -10.35
N GLN C 293 17.36 -55.63 -11.52
CA GLN C 293 18.80 -55.54 -11.69
C GLN C 293 19.14 -54.41 -12.65
N ASN C 294 20.29 -53.79 -12.44
CA ASN C 294 20.71 -52.66 -13.25
C ASN C 294 22.17 -52.80 -13.63
N THR C 295 22.46 -52.76 -14.93
CA THR C 295 23.83 -52.81 -15.44
C THR C 295 24.10 -51.59 -16.32
N PRO C 296 25.28 -50.95 -16.18
CA PRO C 296 25.61 -49.77 -16.98
C PRO C 296 25.70 -50.07 -18.47
N ILE C 297 25.44 -49.05 -19.29
CA ILE C 297 25.52 -49.14 -20.74
C ILE C 297 26.94 -48.79 -21.21
N GLY C 298 27.44 -47.63 -20.78
CA GLY C 298 28.81 -47.20 -21.09
C GLY C 298 29.91 -48.08 -20.49
N ASP C 299 31.11 -48.00 -21.09
CA ASP C 299 32.27 -48.81 -20.69
C ASP C 299 33.02 -48.27 -19.46
N GLY C 300 32.72 -47.05 -19.02
CA GLY C 300 33.49 -46.38 -17.98
C GLY C 300 33.04 -46.75 -16.56
N PRO C 301 33.98 -46.72 -15.58
CA PRO C 301 33.69 -47.05 -14.18
C PRO C 301 32.45 -46.40 -13.58
N VAL C 302 31.81 -47.16 -12.71
CA VAL C 302 30.63 -46.71 -11.97
C VAL C 302 30.81 -47.02 -10.49
N LEU C 303 30.09 -46.30 -9.65
CA LEU C 303 30.15 -46.53 -8.20
C LEU C 303 29.30 -47.74 -7.79
N LEU C 304 29.93 -48.71 -7.12
CA LEU C 304 29.23 -49.89 -6.62
C LEU C 304 28.98 -49.74 -5.13
N PRO C 305 27.69 -49.69 -4.72
CA PRO C 305 27.35 -49.28 -3.37
C PRO C 305 27.56 -50.35 -2.31
N ASP C 306 27.45 -49.92 -1.06
CA ASP C 306 27.27 -50.84 0.04
C ASP C 306 25.77 -50.95 0.26
N ASN C 307 25.37 -52.04 0.93
CA ASN C 307 23.99 -52.28 1.28
C ASN C 307 23.26 -51.06 1.86
N HIS C 308 22.18 -50.68 1.21
CA HIS C 308 21.35 -49.57 1.66
C HIS C 308 19.98 -49.66 1.01
N TYR C 309 19.14 -48.67 1.31
CA TYR C 309 17.82 -48.62 0.73
C TYR C 309 17.38 -47.21 0.38
N LEU C 310 16.40 -47.12 -0.51
CA LEU C 310 15.73 -45.86 -0.80
C LEU C 310 14.39 -45.89 -0.11
N SER C 311 14.03 -44.74 0.48
CA SER C 311 12.72 -44.55 1.08
C SER C 311 11.85 -43.79 0.08
N THR C 312 10.71 -44.39 -0.28
CA THR C 312 9.84 -43.83 -1.33
C THR C 312 8.53 -43.29 -0.79
N GLN C 313 7.98 -42.32 -1.49
CA GLN C 313 6.68 -41.76 -1.15
C GLN C 313 6.01 -41.22 -2.44
N SER C 314 4.76 -41.61 -2.70
CA SER C 314 4.09 -41.30 -3.99
C SER C 314 2.61 -40.94 -3.90
N ALA C 315 2.23 -39.89 -4.63
CA ALA C 315 0.84 -39.50 -4.82
C ALA C 315 0.46 -39.69 -6.30
N LEU C 316 -0.73 -40.24 -6.52
CA LEU C 316 -1.29 -40.39 -7.86
C LEU C 316 -2.53 -39.51 -7.96
N SER C 317 -2.64 -38.78 -9.05
CA SER C 317 -3.76 -37.86 -9.23
C SER C 317 -4.19 -37.84 -10.68
N LYS C 318 -5.15 -36.97 -11.00
CA LYS C 318 -5.61 -36.78 -12.38
C LYS C 318 -5.62 -35.31 -12.77
N ASP C 319 -5.22 -35.05 -14.00
CA ASP C 319 -5.47 -33.79 -14.69
C ASP C 319 -6.98 -33.75 -14.96
N PRO C 320 -7.71 -32.87 -14.24
CA PRO C 320 -9.18 -32.86 -14.39
C PRO C 320 -9.64 -32.50 -15.80
N ASN C 321 -8.75 -31.87 -16.58
CA ASN C 321 -9.03 -31.48 -17.97
C ASN C 321 -8.45 -32.49 -19.01
N GLU C 322 -8.04 -33.67 -18.56
CA GLU C 322 -7.44 -34.66 -19.46
C GLU C 322 -8.39 -35.81 -19.74
N LYS C 323 -8.88 -35.85 -20.96
CA LYS C 323 -9.85 -36.84 -21.39
C LYS C 323 -9.22 -38.21 -21.66
N ARG C 324 -8.05 -38.23 -22.30
CA ARG C 324 -7.34 -39.50 -22.55
C ARG C 324 -7.04 -40.25 -21.25
N ASP C 325 -6.70 -41.53 -21.37
CA ASP C 325 -6.38 -42.35 -20.20
C ASP C 325 -4.97 -42.06 -19.68
N HIS C 326 -4.88 -41.51 -18.48
CA HIS C 326 -3.62 -40.94 -17.99
C HIS C 326 -3.40 -41.15 -16.49
N MET C 327 -2.24 -40.67 -16.02
CA MET C 327 -1.90 -40.66 -14.59
C MET C 327 -0.89 -39.55 -14.32
N VAL C 328 -1.22 -38.67 -13.38
CA VAL C 328 -0.27 -37.68 -12.89
C VAL C 328 0.39 -38.27 -11.65
N LEU C 329 1.70 -38.06 -11.52
CA LEU C 329 2.50 -38.73 -10.48
C LEU C 329 3.45 -37.77 -9.77
N LEU C 330 3.26 -37.60 -8.47
CA LEU C 330 4.14 -36.76 -7.68
C LEU C 330 4.87 -37.61 -6.62
N GLU C 331 6.20 -37.64 -6.73
CA GLU C 331 6.99 -38.61 -6.02
C GLU C 331 8.25 -38.00 -5.40
N PHE C 332 8.60 -38.47 -4.20
CA PHE C 332 9.78 -38.00 -3.48
C PHE C 332 10.55 -39.18 -2.92
N VAL C 333 11.83 -39.29 -3.29
CA VAL C 333 12.64 -40.39 -2.81
C VAL C 333 13.98 -39.93 -2.26
N THR C 334 14.41 -40.63 -1.20
CA THR C 334 15.68 -40.40 -0.54
C THR C 334 16.46 -41.70 -0.38
N ALA C 335 17.78 -41.55 -0.40
CA ALA C 335 18.70 -42.57 0.12
C ALA C 335 18.70 -42.62 1.66
N ALA C 336 18.83 -43.82 2.20
CA ALA C 336 18.98 -44.02 3.63
C ALA C 336 19.77 -45.30 3.89
N GLY C 337 20.00 -45.61 5.17
CA GLY C 337 20.64 -46.87 5.54
C GLY C 337 22.08 -46.76 5.96
N ILE C 338 22.78 -45.71 5.53
CA ILE C 338 24.15 -45.46 5.97
C ILE C 338 24.29 -44.13 6.74
N THR C 339 24.64 -44.25 8.02
CA THR C 339 24.68 -43.10 8.97
C THR C 339 25.72 -42.03 8.63
CHA HEM D . 19.32 -7.32 -12.04
CHB HEM D . 21.68 -6.42 -8.03
CHC HEM D . 24.73 -3.62 -10.46
CHD HEM D . 22.40 -4.51 -14.49
C1A HEM D . 19.64 -7.34 -10.70
C2A HEM D . 18.98 -8.06 -9.70
C3A HEM D . 19.67 -7.78 -8.56
C4A HEM D . 20.73 -6.95 -8.88
CMA HEM D . 19.33 -8.34 -7.18
CAA HEM D . 17.75 -8.96 -9.82
CBA HEM D . 18.13 -10.35 -10.34
CGA HEM D . 16.89 -11.21 -10.58
O1A HEM D . 16.97 -12.43 -10.30
O2A HEM D . 15.89 -10.64 -11.05
C1B HEM D . 22.74 -5.60 -8.33
C2B HEM D . 23.65 -5.10 -7.42
C3B HEM D . 24.51 -4.29 -8.10
C4B HEM D . 24.11 -4.31 -9.42
CMB HEM D . 23.66 -5.41 -5.91
CAB HEM D . 25.62 -3.59 -7.60
CBB HEM D . 26.25 -3.96 -6.42
C1C HEM D . 24.40 -3.59 -11.80
C2C HEM D . 25.04 -2.88 -12.80
C3C HEM D . 24.38 -3.13 -13.95
C4C HEM D . 23.34 -3.99 -13.64
CMC HEM D . 26.29 -2.01 -12.66
CAC HEM D . 24.69 -2.64 -15.22
CBC HEM D . 25.97 -2.30 -15.68
C1D HEM D . 21.36 -5.38 -14.17
C2D HEM D . 20.44 -5.88 -15.07
C3D HEM D . 19.56 -6.64 -14.39
C4D HEM D . 19.96 -6.61 -13.07
CMD HEM D . 20.36 -5.64 -16.57
CAD HEM D . 18.39 -7.43 -14.95
CBD HEM D . 18.89 -8.88 -15.12
CGD HEM D . 17.96 -9.72 -16.01
O1D HEM D . 18.46 -10.71 -16.62
O2D HEM D . 16.75 -9.35 -16.03
NA HEM D . 20.70 -6.69 -10.19
NB HEM D . 23.03 -5.10 -9.54
NC HEM D . 23.37 -4.26 -12.32
ND HEM D . 21.06 -5.85 -12.95
FE HEM D . 22.03 -5.42 -11.24
CHA HEM E . -24.22 48.89 17.35
CHB HEM E . -20.59 51.99 17.91
CHC HEM E . -20.73 51.40 22.65
CHD HEM E . -24.35 48.29 22.09
C1A HEM E . -23.21 49.81 17.03
C2A HEM E . -22.85 50.23 15.76
C3A HEM E . -21.82 51.11 15.93
C4A HEM E . -21.55 51.20 17.29
CMA HEM E . -21.10 51.87 14.82
CAA HEM E . -23.50 49.85 14.44
CBA HEM E . -24.52 50.93 14.03
CGA HEM E . -25.10 50.62 12.65
O1A HEM E . -25.13 51.55 11.78
O2A HEM E . -25.50 49.43 12.50
C1B HEM E . -20.29 52.13 19.26
C2B HEM E . -19.30 52.95 19.78
C3B HEM E . -19.33 52.77 21.13
C4B HEM E . -20.35 51.86 21.42
CMB HEM E . -18.33 53.87 19.03
CAB HEM E . -18.47 53.43 22.02
CBB HEM E . -18.32 54.83 22.04
C1C HEM E . -21.74 50.49 22.96
C2C HEM E . -22.09 50.03 24.23
C3C HEM E . -23.13 49.14 24.06
C4C HEM E . -23.38 49.06 22.70
CMC HEM E . -21.45 50.47 25.55
CAC HEM E . -23.85 48.41 25.04
CBC HEM E . -24.17 48.88 26.32
C1D HEM E . -24.65 48.16 20.75
C2D HEM E . -25.63 47.36 20.21
C3D HEM E . -25.62 47.53 18.86
C4D HEM E . -24.61 48.43 18.61
CMD HEM E . -26.60 46.45 21.00
CAD HEM E . -26.53 46.87 17.85
CBD HEM E . -27.56 47.97 17.52
CGD HEM E . -28.54 47.64 16.37
O1D HEM E . -29.54 48.40 16.31
O2D HEM E . -28.29 46.71 15.57
NA HEM E . -22.41 50.40 17.94
NB HEM E . -20.91 51.48 20.26
NC HEM E . -22.54 49.87 22.05
ND HEM E . -24.03 48.80 19.74
FE HEM E . -22.43 50.13 19.96
CHA HEM F . 10.24 -33.23 4.01
CHB HEM F . 5.98 -34.07 5.91
CHC HEM F . 4.93 -29.42 5.60
CHD HEM F . 9.20 -28.58 3.70
C1A HEM F . 9.19 -33.94 4.55
C2A HEM F . 9.14 -35.33 4.79
C3A HEM F . 7.90 -35.53 5.34
C4A HEM F . 7.24 -34.32 5.41
CMA HEM F . 7.32 -36.88 5.79
CAA HEM F . 10.22 -36.44 4.52
CBA HEM F . 11.57 -36.13 5.23
CGA HEM F . 12.29 -37.36 5.81
O1A HEM F . 12.10 -37.60 7.03
O2A HEM F . 13.02 -38.04 5.04
C1B HEM F . 5.30 -32.88 6.00
C2B HEM F . 4.03 -32.73 6.51
C3B HEM F . 3.73 -31.40 6.41
C4B HEM F . 4.83 -30.77 5.87
CMB HEM F . 3.11 -33.83 7.07
CAB HEM F . 2.55 -30.76 6.81
CBB HEM F . 2.29 -30.54 8.15
C1C HEM F . 5.98 -28.71 5.06
C2C HEM F . 6.06 -27.35 4.81
C3C HEM F . 7.30 -27.14 4.25
C4C HEM F . 7.93 -28.36 4.19
CMC HEM F . 4.98 -26.29 5.08
CAC HEM F . 7.90 -25.97 3.80
CBC HEM F . 7.62 -24.69 4.27
C1D HEM F . 9.86 -29.76 3.61
C2D HEM F . 11.14 -29.92 3.10
C3D HEM F . 11.46 -31.25 3.17
C4D HEM F . 10.35 -31.87 3.74
CMD HEM F . 12.04 -28.81 2.55
CAD HEM F . 12.78 -31.84 2.73
CBD HEM F . 13.72 -31.92 3.95
CGD HEM F . 15.08 -32.59 3.67
O1D HEM F . 15.88 -32.68 4.62
O2D HEM F . 15.32 -32.99 2.52
NA HEM F . 8.04 -33.36 4.94
NB HEM F . 5.76 -31.68 5.62
NC HEM F . 7.12 -29.31 4.68
ND HEM F . 9.39 -30.95 4.00
FE HEM F . 7.53 -31.32 4.78
#